data_4YDI
#
_entry.id   4YDI
#
_cell.length_a   141.738
_cell.length_b   172.253
_cell.length_c   91.782
_cell.angle_alpha   90.000
_cell.angle_beta   90.000
_cell.angle_gamma   90.000
#
_symmetry.space_group_name_H-M   'C 2 2 2'
#
loop_
_entity.id
_entity.type
_entity.pdbx_description
1 polymer 'Envelope glycoprotein gp160'
2 polymer 'HEAVY CHAIN OF ANTIBODY Z258-VRC27.01'
3 polymer 'LIGHT CHAIN OF ANTIBODY Z258-VRC27.01'
4 non-polymer 2-acetamido-2-deoxy-beta-D-glucopyranose
5 non-polymer 'SULFATE ION'
6 non-polymer 1,2-ETHANEDIOL
7 water water
#
loop_
_entity_poly.entity_id
_entity_poly.type
_entity_poly.pdbx_seq_one_letter_code
_entity_poly.pdbx_strand_id
1 'polypeptide(L)'
;VWRDADTTLFCASDAKAYETEKHNVWATHACVPTDPNPQEIHLDNVTEKFNMWKNNMVEQMHTDIISLWDQSLKPCVKLT
GGSAITQACPKVSFEPIPIHYCTPAGFAILKCKDEGFNGTGLCKNVSTVQCTHGIKPVVSTQLLLNGSLAEKNITIRSEN
ITNNAKIIIVQLVQPVTIKCIRPNNGGSGSGGDIRQAHCNVTRSRWNKTLQEVAEKLRTYFGNKTIIFANSSGGDLEITT
HSFNCGGEFFYCNTSGLFNSTWYVNSTWNDTDSTQESNDTITLPCRIKQIINMWQRAGQAMYAPPIPGVIKCESNITGLL
LTRDGGKDNNVNETFRPGGGDMRDNWRSELYKYKVVEIE
;
G
2 'polypeptide(L)'
;SQRLVQSGPQVRKPGSSVRISCETSGYTFNAYILHWFRQAPGRSFEWMGWIKPKFGAVNYAHSFQGRITLTRDIYRETAF
LDLTGLRFDDTAVYYCARDRLYDGSSWRLDPWGQGTRVVVSSASTKGPSVFPLAPSSKSTSGGTAALGCLVKDYFPEPVT
VSWNSGALTSGVHTFPAVLQSSGLYSLSSVVTVPSSSLGTQTYICNVNHKPSNTKVDKKVEPKSCDK
;
H
3 'polypeptide(L)'
;DIQMTQSPSSLAVSVGGRVTITCRASQGIGSDLHWYQQKRGRPPKILIHHASAREEGVPSRFGGSGSHTPFIFTINDLQL
DDVATYYCQVIESFGQGTRLDINRTVAAPSVFIFPPSDEQLKSGTASVVCLLNNFYPREAKVQWKVDNALQSGNSQESVT
EQDSKDSTYSLSSTLTLSKADYEKHKVYACEVTHQGLSSPVTKSFNRGEC
;
L
#
# COMPACT_ATOMS: atom_id res chain seq x y z
N VAL A 1 11.17 1.95 42.29
CA VAL A 1 10.84 3.23 42.92
C VAL A 1 9.72 3.87 42.11
N TRP A 2 10.13 4.59 41.08
CA TRP A 2 9.23 5.19 40.10
C TRP A 2 8.68 4.18 39.13
N ARG A 3 7.67 4.60 38.38
CA ARG A 3 7.19 3.76 37.34
C ARG A 3 6.64 4.77 36.36
N ASP A 4 6.67 4.37 35.10
CA ASP A 4 6.19 5.21 33.99
C ASP A 4 4.75 5.66 34.10
N ALA A 5 4.51 6.93 33.80
CA ALA A 5 3.16 7.47 33.82
C ALA A 5 3.14 8.68 32.90
N ASP A 6 1.96 9.03 32.41
CA ASP A 6 1.78 10.25 31.66
C ASP A 6 0.94 11.23 32.47
N THR A 7 1.36 12.49 32.54
CA THR A 7 0.62 13.53 33.24
C THR A 7 0.77 14.86 32.52
N THR A 8 0.03 15.87 32.97
CA THR A 8 0.12 17.21 32.39
C THR A 8 1.29 18.05 32.89
N LEU A 9 2.17 18.40 31.95
CA LEU A 9 3.36 19.21 32.18
C LEU A 9 3.09 20.70 32.01
N PHE A 10 4.03 21.52 32.49
CA PHE A 10 4.04 22.94 32.21
C PHE A 10 5.33 23.35 31.51
N CYS A 11 5.32 24.51 30.87
CA CYS A 11 6.48 25.01 30.14
C CYS A 11 7.13 26.19 30.85
N ALA A 12 8.41 26.40 30.56
CA ALA A 12 9.14 27.53 31.11
C ALA A 12 9.87 28.27 29.99
N SER A 13 10.04 29.58 30.13
CA SER A 13 10.73 30.36 29.11
C SER A 13 11.28 31.68 29.65
N ASP A 14 12.16 32.29 28.88
CA ASP A 14 12.70 33.62 29.17
C ASP A 14 12.01 34.71 28.35
N ALA A 15 10.72 34.53 28.07
CA ALA A 15 9.98 35.48 27.23
C ALA A 15 9.97 36.88 27.83
N LYS A 16 9.94 37.89 26.96
CA LYS A 16 9.85 39.27 27.39
C LYS A 16 8.40 39.75 27.43
N ALA A 17 7.94 40.14 28.62
CA ALA A 17 6.58 40.60 28.86
C ALA A 17 6.20 41.87 28.08
N TYR A 18 7.18 42.58 27.56
CA TYR A 18 6.93 43.83 26.84
C TYR A 18 6.91 43.64 25.33
N GLU A 19 7.30 42.46 24.88
CA GLU A 19 7.49 42.23 23.45
C GLU A 19 6.14 41.99 22.77
N THR A 20 6.03 42.40 21.50
CA THR A 20 4.79 42.27 20.76
C THR A 20 4.79 40.97 19.93
N GLU A 21 5.98 40.46 19.63
CA GLU A 21 6.17 39.15 18.99
C GLU A 21 5.35 38.07 19.70
N LYS A 22 4.66 37.25 18.92
CA LYS A 22 3.61 36.38 19.44
C LYS A 22 4.08 35.21 20.30
N HIS A 23 5.25 34.64 20.01
CA HIS A 23 5.78 33.59 20.89
C HIS A 23 6.03 34.15 22.28
N ASN A 24 6.62 35.34 22.34
CA ASN A 24 6.85 36.02 23.60
C ASN A 24 5.56 36.26 24.37
N VAL A 25 4.53 36.71 23.65
CA VAL A 25 3.28 37.09 24.29
C VAL A 25 2.60 35.88 24.91
N TRP A 26 2.55 34.79 24.15
CA TRP A 26 1.97 33.53 24.62
C TRP A 26 2.70 33.00 25.84
N ALA A 27 4.02 32.88 25.72
CA ALA A 27 4.86 32.33 26.77
C ALA A 27 4.85 33.16 28.06
N THR A 28 4.52 34.44 27.96
CA THR A 28 4.49 35.33 29.11
C THR A 28 3.40 34.93 30.11
N HIS A 29 2.32 34.36 29.60
CA HIS A 29 1.23 33.93 30.47
C HIS A 29 1.18 32.41 30.59
N ALA A 30 1.77 31.72 29.62
CA ALA A 30 1.65 30.26 29.57
C ALA A 30 2.78 29.54 30.29
N CYS A 31 3.89 30.23 30.51
CA CYS A 31 5.10 29.56 30.99
C CYS A 31 5.68 30.35 32.17
N VAL A 32 6.57 29.72 32.93
CA VAL A 32 7.30 30.42 33.98
C VAL A 32 8.73 30.77 33.55
N PRO A 33 9.44 31.61 34.34
CA PRO A 33 10.85 31.93 34.04
C PRO A 33 11.80 30.75 34.20
N THR A 34 12.88 30.74 33.42
CA THR A 34 13.90 29.70 33.48
C THR A 34 14.72 29.73 34.77
N ASP A 35 15.27 28.56 35.13
CA ASP A 35 16.18 28.43 36.26
C ASP A 35 17.61 28.84 35.89
N PRO A 36 18.19 29.79 36.64
CA PRO A 36 19.57 30.26 36.44
C PRO A 36 20.60 29.14 36.50
N ASN A 37 20.41 28.25 37.48
CA ASN A 37 21.30 27.13 37.71
C ASN A 37 20.53 25.81 37.69
N PRO A 38 20.18 25.30 36.50
CA PRO A 38 19.45 24.04 36.46
C PRO A 38 20.35 22.92 36.98
N GLN A 39 19.76 21.93 37.65
CA GLN A 39 20.54 20.83 38.20
C GLN A 39 20.40 19.54 37.41
N GLU A 40 21.55 18.94 37.12
CA GLU A 40 21.58 17.62 36.50
C GLU A 40 22.41 16.66 37.35
N ILE A 41 21.80 15.54 37.73
CA ILE A 41 22.47 14.59 38.61
C ILE A 41 22.63 13.26 37.89
N HIS A 42 23.86 12.77 37.84
CA HIS A 42 24.12 11.46 37.25
C HIS A 42 23.57 10.36 38.15
N LEU A 43 22.81 9.44 37.56
CA LEU A 43 22.27 8.33 38.32
C LEU A 43 23.21 7.12 38.27
N ASP A 44 24.06 7.01 39.28
CA ASP A 44 25.07 5.97 39.36
C ASP A 44 24.48 4.56 39.23
N ASN A 45 25.06 3.77 38.31
CA ASN A 45 24.75 2.35 38.16
C ASN A 45 23.27 2.17 37.74
N VAL A 46 22.73 3.17 37.05
CA VAL A 46 21.33 3.11 36.62
C VAL A 46 21.26 2.90 35.11
N THR A 47 20.48 1.91 34.69
CA THR A 47 20.24 1.68 33.27
C THR A 47 18.75 1.80 32.98
N GLU A 48 18.39 2.51 31.91
CA GLU A 48 16.99 2.80 31.61
C GLU A 48 16.63 2.71 30.12
N LYS A 49 15.43 2.22 29.85
CA LYS A 49 14.90 2.19 28.49
C LYS A 49 14.16 3.47 28.14
N PHE A 50 14.39 3.96 26.92
CA PHE A 50 13.69 5.12 26.40
C PHE A 50 12.94 4.72 25.15
N ASN A 51 11.88 5.46 24.82
CA ASN A 51 11.23 5.30 23.54
C ASN A 51 10.70 6.63 23.02
N MET A 52 11.48 7.26 22.14
CA MET A 52 11.18 8.60 21.66
C MET A 52 9.87 8.63 20.86
N TRP A 53 9.45 7.46 20.37
CA TRP A 53 8.27 7.34 19.54
C TRP A 53 6.98 7.17 20.35
N LYS A 54 7.12 6.83 21.62
CA LYS A 54 5.96 6.73 22.50
C LYS A 54 6.20 7.53 23.76
N ASN A 55 6.48 8.82 23.57
CA ASN A 55 6.81 9.73 24.65
C ASN A 55 5.72 10.81 24.64
N ASN A 56 4.89 10.79 25.68
CA ASN A 56 3.71 11.66 25.74
C ASN A 56 4.06 13.14 25.84
N MET A 57 5.31 13.44 26.20
CA MET A 57 5.76 14.83 26.19
C MET A 57 5.54 15.47 24.83
N VAL A 58 5.81 14.71 23.77
CA VAL A 58 5.62 15.19 22.42
C VAL A 58 4.19 15.63 22.16
N GLU A 59 3.23 14.83 22.61
CA GLU A 59 1.82 15.12 22.35
C GLU A 59 1.36 16.35 23.12
N GLN A 60 1.84 16.48 24.35
CA GLN A 60 1.53 17.64 25.17
C GLN A 60 2.09 18.90 24.55
N MET A 61 3.34 18.82 24.11
CA MET A 61 3.98 19.93 23.41
C MET A 61 3.19 20.27 22.15
N HIS A 62 2.77 19.25 21.43
CA HIS A 62 2.01 19.45 20.20
C HIS A 62 0.77 20.28 20.45
N THR A 63 -0.01 19.88 21.45
CA THR A 63 -1.25 20.58 21.77
C THR A 63 -0.94 22.03 22.17
N ASP A 64 0.19 22.24 22.82
CA ASP A 64 0.59 23.59 23.22
C ASP A 64 0.91 24.47 22.01
N ILE A 65 1.68 23.92 21.06
CA ILE A 65 2.10 24.71 19.90
C ILE A 65 0.93 24.99 18.97
N ILE A 66 0.00 24.04 18.89
CA ILE A 66 -1.27 24.28 18.21
C ILE A 66 -1.97 25.51 18.80
N SER A 67 -2.08 25.53 20.13
CA SER A 67 -2.76 26.62 20.82
C SER A 67 -2.04 27.93 20.56
N LEU A 68 -0.72 27.88 20.57
CA LEU A 68 0.10 29.07 20.33
C LEU A 68 -0.20 29.64 18.95
N TRP A 69 -0.20 28.77 17.94
CA TRP A 69 -0.52 29.17 16.57
C TRP A 69 -1.93 29.69 16.39
N ASP A 70 -2.89 28.99 16.97
CA ASP A 70 -4.30 29.36 16.82
C ASP A 70 -4.59 30.79 17.30
N GLN A 71 -4.06 31.17 18.45
CA GLN A 71 -4.36 32.47 19.05
C GLN A 71 -3.40 33.57 18.57
N SER A 72 -2.44 33.20 17.73
CA SER A 72 -1.45 34.18 17.29
C SER A 72 -1.64 34.57 15.83
N LEU A 73 -1.85 33.58 14.97
CA LEU A 73 -1.93 33.83 13.54
C LEU A 73 -3.33 33.57 13.02
N LYS A 74 -4.21 34.57 13.14
CA LYS A 74 -5.60 34.34 12.77
C LYS A 74 -5.73 34.59 11.27
N PRO A 75 -6.21 33.57 10.54
CA PRO A 75 -6.49 33.60 9.11
C PRO A 75 -7.72 34.42 8.79
N CYS A 76 -7.76 34.97 7.59
CA CYS A 76 -8.94 35.67 7.12
C CYS A 76 -10.07 34.67 6.91
N VAL A 77 -9.73 33.43 6.55
CA VAL A 77 -10.73 32.39 6.36
C VAL A 77 -10.17 31.02 6.79
N LYS A 78 -10.97 30.28 7.56
CA LYS A 78 -10.63 28.91 7.99
C LYS A 78 -11.64 27.87 7.51
N LEU A 79 -11.19 26.78 6.90
CA LEU A 79 -12.13 25.70 6.57
C LEU A 79 -11.84 24.43 7.38
N THR A 80 -12.00 24.49 8.70
CA THR A 80 -11.86 23.30 9.54
C THR A 80 -13.14 22.48 9.65
N GLY A 81 -13.16 21.32 9.02
CA GLY A 81 -14.41 20.57 8.93
C GLY A 81 -15.22 21.05 7.75
N GLY A 82 -16.54 21.07 7.94
CA GLY A 82 -17.42 21.57 6.91
C GLY A 82 -17.75 23.01 7.20
N SER A 83 -17.36 23.50 8.37
CA SER A 83 -17.67 24.86 8.76
C SER A 83 -16.56 25.87 8.42
N ALA A 84 -16.97 26.94 7.75
CA ALA A 84 -16.09 28.03 7.29
C ALA A 84 -16.06 29.29 8.16
N ILE A 85 -14.88 29.79 8.54
CA ILE A 85 -14.79 30.97 9.42
C ILE A 85 -14.18 32.21 8.80
N THR A 86 -14.94 33.30 8.80
CA THR A 86 -14.45 34.58 8.31
C THR A 86 -14.07 35.43 9.51
N GLN A 87 -12.97 36.17 9.44
CA GLN A 87 -12.61 37.02 10.57
C GLN A 87 -11.52 38.04 10.23
N ALA A 88 -11.21 38.88 11.21
CA ALA A 88 -10.18 39.88 11.05
C ALA A 88 -8.87 39.14 11.10
N CYS A 89 -7.91 39.59 10.31
CA CYS A 89 -6.67 38.85 10.14
C CYS A 89 -5.46 39.76 10.02
N PRO A 90 -5.09 40.41 11.14
CA PRO A 90 -3.98 41.37 11.13
C PRO A 90 -2.64 40.68 11.02
N LYS A 91 -1.66 41.41 10.51
CA LYS A 91 -0.28 40.98 10.54
C LYS A 91 0.33 41.04 11.92
N VAL A 92 1.21 40.09 12.22
CA VAL A 92 1.83 40.00 13.53
C VAL A 92 3.32 39.76 13.40
N SER A 93 4.02 39.94 14.52
CA SER A 93 5.42 39.56 14.64
C SER A 93 5.53 38.12 15.13
N PHE A 94 6.27 37.31 14.37
CA PHE A 94 6.33 35.86 14.64
C PHE A 94 7.72 35.30 14.44
N GLU A 95 8.40 35.06 15.55
CA GLU A 95 9.76 34.56 15.59
C GLU A 95 9.97 33.72 16.83
N PRO A 96 10.19 32.41 16.64
CA PRO A 96 10.24 31.43 17.73
C PRO A 96 11.27 31.78 18.80
N ILE A 97 10.94 31.49 20.06
CA ILE A 97 11.89 31.60 21.17
C ILE A 97 12.06 30.25 21.83
N PRO A 98 13.15 30.06 22.59
CA PRO A 98 13.34 28.74 23.23
C PRO A 98 12.33 28.46 24.35
N ILE A 99 11.81 27.24 24.37
CA ILE A 99 10.93 26.77 25.45
C ILE A 99 11.53 25.57 26.18
N HIS A 100 11.51 25.62 27.51
CA HIS A 100 11.95 24.49 28.31
C HIS A 100 10.72 23.79 28.88
N TYR A 101 10.76 22.46 28.97
CA TYR A 101 9.69 21.72 29.64
C TYR A 101 10.15 21.14 30.95
N CYS A 102 9.33 21.29 31.98
CA CYS A 102 9.73 20.96 33.33
C CYS A 102 8.64 20.12 33.96
N THR A 103 9.04 19.26 34.90
CA THR A 103 8.08 18.42 35.63
C THR A 103 7.64 19.10 36.93
N PRO A 104 6.35 18.98 37.26
CA PRO A 104 5.85 19.48 38.55
C PRO A 104 6.31 18.62 39.73
N ALA A 105 5.90 18.98 40.95
CA ALA A 105 6.31 18.22 42.12
C ALA A 105 5.82 16.79 42.01
N GLY A 106 6.65 15.85 42.46
CA GLY A 106 6.29 14.44 42.46
C GLY A 106 6.66 13.72 41.17
N PHE A 107 7.08 14.47 40.16
CA PHE A 107 7.49 13.88 38.89
C PHE A 107 8.90 14.32 38.50
N ALA A 108 9.51 13.64 37.54
CA ALA A 108 10.87 14.00 37.12
C ALA A 108 11.16 13.65 35.66
N ILE A 109 12.12 14.35 35.06
CA ILE A 109 12.59 14.05 33.72
C ILE A 109 13.95 13.36 33.75
N LEU A 110 14.05 12.21 33.10
CA LEU A 110 15.35 11.55 32.92
C LEU A 110 15.96 11.86 31.56
N LYS A 111 17.27 12.03 31.56
CA LYS A 111 17.99 12.50 30.38
C LYS A 111 19.12 11.53 30.05
N CYS A 112 19.08 10.96 28.85
CA CYS A 112 20.10 10.04 28.38
C CYS A 112 21.32 10.80 27.86
N LYS A 113 22.49 10.49 28.37
CA LYS A 113 23.69 11.21 27.95
C LYS A 113 24.58 10.34 27.06
N ASP A 114 24.06 9.18 26.65
CA ASP A 114 24.80 8.27 25.78
C ASP A 114 25.02 8.95 24.43
N GLU A 115 26.23 8.82 23.89
CA GLU A 115 26.55 9.40 22.59
C GLU A 115 25.71 8.78 21.48
N GLY A 116 25.14 9.64 20.64
CA GLY A 116 24.36 9.20 19.49
C GLY A 116 23.23 8.24 19.80
N PHE A 117 22.61 8.41 20.97
CA PHE A 117 21.47 7.58 21.36
C PHE A 117 20.35 7.65 20.34
N ASN A 118 19.92 6.48 19.86
CA ASN A 118 18.94 6.36 18.78
C ASN A 118 17.49 6.57 19.21
N GLY A 119 17.27 6.69 20.52
CA GLY A 119 15.95 7.04 21.03
C GLY A 119 15.12 5.89 21.55
N THR A 120 15.56 4.67 21.26
CA THR A 120 14.86 3.48 21.69
C THR A 120 15.85 2.42 22.17
N GLY A 121 15.78 2.07 23.46
CA GLY A 121 16.69 1.07 24.00
C GLY A 121 17.27 1.44 25.34
N LEU A 122 18.29 0.69 25.75
CA LEU A 122 18.91 0.90 27.06
C LEU A 122 19.92 2.05 27.02
N CYS A 123 19.77 3.02 27.91
CA CYS A 123 20.75 4.08 28.08
C CYS A 123 21.69 3.68 29.23
N LYS A 124 23.00 3.89 29.06
CA LYS A 124 23.94 3.47 30.10
C LYS A 124 24.27 4.64 31.03
N ASN A 125 24.21 5.85 30.50
CA ASN A 125 24.45 7.05 31.30
C ASN A 125 23.18 7.87 31.42
N VAL A 126 22.49 7.72 32.54
CA VAL A 126 21.22 8.40 32.71
C VAL A 126 21.41 9.47 33.77
N SER A 127 20.76 10.61 33.57
CA SER A 127 20.73 11.65 34.59
C SER A 127 19.32 12.12 34.86
N THR A 128 19.16 12.89 35.94
CA THR A 128 17.90 13.54 36.24
C THR A 128 18.04 15.05 36.25
N VAL A 129 17.03 15.71 35.70
CA VAL A 129 16.99 17.17 35.66
C VAL A 129 15.59 17.60 36.05
N GLN A 130 15.44 18.85 36.48
CA GLN A 130 14.11 19.35 36.75
C GLN A 130 13.47 19.84 35.46
N CYS A 131 14.29 20.39 34.56
CA CYS A 131 13.76 20.92 33.32
C CYS A 131 14.61 20.49 32.12
N THR A 132 13.99 20.39 30.96
CA THR A 132 14.73 20.19 29.73
C THR A 132 15.53 21.42 29.32
N HIS A 133 16.37 21.26 28.30
CA HIS A 133 17.04 22.40 27.66
C HIS A 133 16.00 23.22 26.90
N GLY A 134 16.39 24.42 26.46
CA GLY A 134 15.48 25.26 25.72
C GLY A 134 15.26 24.84 24.27
N ILE A 135 14.01 24.56 23.92
CA ILE A 135 13.69 24.07 22.59
C ILE A 135 12.86 25.11 21.83
N LYS A 136 13.41 25.65 20.75
CA LYS A 136 12.62 26.51 19.84
C LYS A 136 11.63 25.69 19.00
N PRO A 137 10.33 26.03 19.09
CA PRO A 137 9.25 25.32 18.39
C PRO A 137 9.13 25.71 16.92
N VAL A 138 10.17 25.41 16.16
CA VAL A 138 10.21 25.74 14.74
C VAL A 138 9.33 24.81 13.93
N VAL A 139 8.34 25.39 13.27
CA VAL A 139 7.43 24.65 12.40
C VAL A 139 7.94 24.64 10.98
N SER A 140 8.25 23.46 10.47
CA SER A 140 8.76 23.31 9.11
C SER A 140 8.57 21.88 8.61
N THR A 141 8.73 21.70 7.30
CA THR A 141 8.75 20.36 6.72
C THR A 141 10.06 20.09 6.00
N GLN A 142 10.36 18.80 5.82
CA GLN A 142 11.51 18.32 5.05
C GLN A 142 12.81 18.56 5.81
N LEU A 143 13.08 19.83 6.11
CA LEU A 143 14.28 20.21 6.86
C LEU A 143 13.90 20.67 8.26
N LEU A 144 14.62 20.18 9.27
CA LEU A 144 14.49 20.69 10.63
C LEU A 144 15.43 21.88 10.86
N LEU A 145 14.86 22.96 11.40
CA LEU A 145 15.57 24.22 11.54
C LEU A 145 15.74 24.60 13.00
N ASN A 146 16.89 25.19 13.31
CA ASN A 146 17.18 25.74 14.64
C ASN A 146 17.03 24.73 15.78
N GLY A 147 17.23 23.45 15.48
CA GLY A 147 17.15 22.41 16.48
C GLY A 147 18.49 22.05 17.10
N SER A 148 18.51 20.96 17.86
CA SER A 148 19.73 20.47 18.49
C SER A 148 20.55 19.62 17.51
N LEU A 149 21.85 19.64 17.68
CA LEU A 149 22.75 18.86 16.82
C LEU A 149 23.32 17.66 17.56
N ALA A 150 23.69 16.62 16.81
CA ALA A 150 24.35 15.48 17.40
C ALA A 150 25.76 15.87 17.80
N GLU A 151 26.28 15.25 18.85
CA GLU A 151 27.56 15.63 19.40
C GLU A 151 28.74 15.23 18.51
N LYS A 152 28.75 13.99 18.01
CA LYS A 152 29.95 13.46 17.33
C LYS A 152 29.64 12.94 15.92
N ASN A 153 28.59 12.15 15.80
CA ASN A 153 28.24 11.49 14.55
C ASN A 153 26.78 11.74 14.20
N ILE A 154 26.50 11.79 12.90
CA ILE A 154 25.15 11.88 12.39
C ILE A 154 24.32 10.72 12.92
N THR A 155 23.10 11.02 13.38
CA THR A 155 22.28 10.00 14.03
C THR A 155 20.95 9.80 13.30
N ILE A 156 20.57 8.53 13.16
CA ILE A 156 19.35 8.13 12.47
C ILE A 156 18.40 7.57 13.51
N ARG A 157 17.15 8.02 13.51
CA ARG A 157 16.20 7.50 14.48
C ARG A 157 14.92 7.04 13.80
N SER A 158 14.58 5.76 13.96
CA SER A 158 13.34 5.23 13.39
C SER A 158 12.74 4.06 14.16
N GLU A 159 11.41 4.02 14.23
CA GLU A 159 10.68 2.95 14.90
C GLU A 159 10.96 1.61 14.24
N ASN A 160 11.07 1.64 12.91
CA ASN A 160 11.50 0.51 12.12
C ASN A 160 12.15 1.00 10.84
N ILE A 161 13.46 0.96 10.82
CA ILE A 161 14.26 1.54 9.73
C ILE A 161 13.92 0.80 8.44
N THR A 162 13.44 -0.43 8.58
CA THR A 162 13.08 -1.22 7.41
C THR A 162 11.60 -1.14 7.06
N ASN A 163 10.85 -0.35 7.82
CA ASN A 163 9.44 -0.12 7.53
C ASN A 163 9.26 1.17 6.75
N ASN A 164 8.98 1.05 5.45
CA ASN A 164 8.96 2.21 4.55
C ASN A 164 7.84 3.20 4.87
N ALA A 165 6.92 2.78 5.74
CA ALA A 165 5.86 3.68 6.19
C ALA A 165 6.30 4.56 7.34
N LYS A 166 7.50 4.33 7.86
CA LYS A 166 7.97 5.04 9.03
C LYS A 166 8.86 6.21 8.61
N ILE A 167 8.65 7.35 9.24
CA ILE A 167 9.48 8.53 9.03
C ILE A 167 10.91 8.26 9.51
N ILE A 168 11.88 8.89 8.87
CA ILE A 168 13.26 8.81 9.29
C ILE A 168 13.81 10.17 9.70
N ILE A 169 14.14 10.33 10.97
CA ILE A 169 14.71 11.58 11.45
C ILE A 169 16.23 11.51 11.43
N VAL A 170 16.84 12.48 10.77
CA VAL A 170 18.29 12.57 10.67
C VAL A 170 18.78 13.77 11.49
N GLN A 171 19.84 13.57 12.28
CA GLN A 171 20.45 14.69 13.02
C GLN A 171 21.89 14.94 12.62
N LEU A 172 22.20 16.16 12.20
CA LEU A 172 23.55 16.50 11.77
C LEU A 172 24.48 16.89 12.90
N VAL A 173 25.78 16.84 12.60
CA VAL A 173 26.83 17.27 13.52
C VAL A 173 27.20 18.71 13.18
N GLN A 174 27.38 18.99 11.89
CA GLN A 174 27.67 20.35 11.44
C GLN A 174 26.41 20.89 10.80
N PRO A 175 26.01 22.11 11.19
CA PRO A 175 24.82 22.77 10.67
C PRO A 175 25.06 23.33 9.28
N VAL A 176 24.01 23.43 8.49
CA VAL A 176 24.10 24.05 7.18
C VAL A 176 23.25 25.31 7.16
N THR A 177 23.90 26.45 6.94
CA THR A 177 23.21 27.72 6.95
C THR A 177 22.27 27.81 5.76
N ILE A 178 21.06 28.31 5.99
CA ILE A 178 20.13 28.59 4.90
C ILE A 178 19.69 30.04 4.96
N LYS A 179 19.91 30.74 3.85
CA LYS A 179 19.63 32.17 3.80
C LYS A 179 18.53 32.46 2.79
N CYS A 180 17.44 33.06 3.27
CA CYS A 180 16.26 33.31 2.45
C CYS A 180 15.97 34.79 2.34
N ILE A 181 15.33 35.20 1.25
CA ILE A 181 14.96 36.59 1.09
C ILE A 181 13.79 36.78 0.13
N ARG A 182 12.97 37.80 0.42
CA ARG A 182 11.98 38.30 -0.52
C ARG A 182 12.37 39.68 -1.06
N PRO A 183 12.55 39.79 -2.38
CA PRO A 183 12.91 41.05 -3.05
C PRO A 183 11.92 42.19 -2.80
N ASP A 193 5.79 40.36 -9.29
CA ASP A 193 5.33 39.26 -8.45
C ASP A 193 5.94 39.35 -7.05
N ILE A 194 5.24 40.04 -6.15
CA ILE A 194 5.73 40.30 -4.81
C ILE A 194 5.72 39.04 -3.95
N ARG A 195 5.28 37.95 -4.56
CA ARG A 195 5.21 36.65 -3.89
C ARG A 195 6.44 35.79 -4.15
N GLN A 196 7.30 36.25 -5.06
CA GLN A 196 8.51 35.50 -5.43
C GLN A 196 9.67 35.67 -4.44
N ALA A 197 10.28 34.54 -4.04
CA ALA A 197 11.39 34.56 -3.10
C ALA A 197 12.36 33.42 -3.42
N HIS A 198 13.45 33.34 -2.66
CA HIS A 198 14.40 32.23 -2.79
C HIS A 198 15.32 32.06 -1.58
N CYS A 199 15.87 30.86 -1.42
CA CYS A 199 16.76 30.54 -0.31
C CYS A 199 18.09 30.01 -0.84
N ASN A 200 19.20 30.43 -0.25
CA ASN A 200 20.51 29.91 -0.67
C ASN A 200 21.14 29.02 0.40
N VAL A 201 21.74 27.91 -0.05
CA VAL A 201 22.62 27.10 0.78
C VAL A 201 23.93 26.91 0.02
N THR A 202 25.03 26.82 0.77
CA THR A 202 26.34 26.62 0.19
C THR A 202 26.46 25.22 -0.41
N ARG A 203 26.77 25.15 -1.71
CA ARG A 203 26.79 23.86 -2.41
C ARG A 203 27.79 22.90 -1.76
N SER A 204 29.01 23.37 -1.61
CA SER A 204 30.11 22.58 -1.04
C SER A 204 29.78 22.09 0.38
N ARG A 205 29.17 22.98 1.16
CA ARG A 205 28.85 22.68 2.55
C ARG A 205 27.77 21.61 2.59
N TRP A 206 26.79 21.74 1.71
CA TRP A 206 25.67 20.80 1.60
C TRP A 206 26.04 19.40 1.08
N ASN A 207 26.96 19.35 0.12
CA ASN A 207 27.36 18.08 -0.47
C ASN A 207 28.19 17.23 0.47
N LYS A 208 29.03 17.89 1.27
CA LYS A 208 29.81 17.18 2.28
C LYS A 208 28.83 16.53 3.23
N THR A 209 27.76 17.25 3.54
CA THR A 209 26.72 16.73 4.42
C THR A 209 26.06 15.48 3.84
N LEU A 210 25.65 15.54 2.58
CA LEU A 210 25.01 14.38 1.95
C LEU A 210 25.92 13.15 1.88
N GLN A 211 27.21 13.37 1.65
CA GLN A 211 28.15 12.26 1.64
C GLN A 211 28.21 11.54 2.99
N GLU A 212 28.23 12.30 4.09
CA GLU A 212 28.35 11.69 5.41
C GLU A 212 27.04 11.05 5.86
N VAL A 213 25.92 11.68 5.53
CA VAL A 213 24.62 11.09 5.78
C VAL A 213 24.45 9.76 5.07
N ALA A 214 24.86 9.72 3.80
CA ALA A 214 24.78 8.48 3.04
C ALA A 214 25.58 7.38 3.72
N GLU A 215 26.80 7.70 4.14
CA GLU A 215 27.68 6.71 4.75
C GLU A 215 27.07 6.15 6.03
N LYS A 216 26.40 7.02 6.78
CA LYS A 216 25.76 6.62 8.03
C LYS A 216 24.57 5.72 7.76
N LEU A 217 23.81 6.07 6.72
CA LEU A 217 22.63 5.31 6.32
C LEU A 217 22.98 3.90 5.87
N ARG A 218 24.16 3.73 5.27
CA ARG A 218 24.59 2.42 4.80
C ARG A 218 24.83 1.42 5.93
N THR A 219 25.00 1.93 7.14
CA THR A 219 25.20 1.09 8.31
C THR A 219 23.93 0.34 8.72
N TYR A 220 22.79 0.87 8.28
CA TYR A 220 21.48 0.28 8.56
C TYR A 220 20.91 -0.57 7.42
N PHE A 221 21.21 -0.17 6.19
CA PHE A 221 20.60 -0.77 4.99
C PHE A 221 21.62 -1.62 4.25
N GLY A 222 22.84 -1.60 4.77
CA GLY A 222 23.93 -2.39 4.25
C GLY A 222 24.80 -1.66 3.25
N ASN A 223 25.86 -2.34 2.84
CA ASN A 223 26.86 -1.80 1.96
C ASN A 223 26.23 -1.59 0.57
N LYS A 224 25.32 -0.60 0.48
CA LYS A 224 24.55 -0.32 -0.74
C LYS A 224 24.65 1.12 -1.26
N THR A 225 24.30 1.30 -2.53
CA THR A 225 24.23 2.63 -3.15
C THR A 225 23.06 3.44 -2.58
N ILE A 226 23.32 4.68 -2.17
CA ILE A 226 22.29 5.54 -1.61
C ILE A 226 21.88 6.67 -2.53
N ILE A 227 20.59 6.75 -2.82
CA ILE A 227 20.07 7.76 -3.73
C ILE A 227 19.17 8.72 -2.98
N PHE A 228 19.37 10.02 -3.22
CA PHE A 228 18.45 11.03 -2.72
C PHE A 228 17.65 11.66 -3.86
N ALA A 229 16.33 11.69 -3.74
CA ALA A 229 15.48 12.20 -4.80
C ALA A 229 14.40 13.07 -4.18
N ASN A 230 13.66 13.81 -5.01
CA ASN A 230 12.66 14.72 -4.47
C ASN A 230 11.36 13.97 -4.12
N SER A 231 10.43 14.66 -3.48
CA SER A 231 9.16 14.06 -3.08
C SER A 231 8.37 13.53 -4.28
N SER A 232 7.70 12.39 -4.08
CA SER A 232 6.89 11.73 -5.12
C SER A 232 5.50 12.35 -5.26
N GLY A 233 5.10 13.14 -4.28
CA GLY A 233 3.79 13.77 -4.34
C GLY A 233 3.24 14.17 -3.00
N GLY A 234 2.06 14.78 -3.03
CA GLY A 234 1.40 15.27 -1.83
C GLY A 234 1.17 16.76 -1.91
N ASP A 235 0.59 17.31 -0.85
CA ASP A 235 0.34 18.74 -0.76
C ASP A 235 1.65 19.53 -0.81
N LEU A 236 1.60 20.76 -1.30
CA LEU A 236 2.80 21.58 -1.43
C LEU A 236 3.59 21.73 -0.13
N GLU A 237 2.90 21.71 1.00
CA GLU A 237 3.56 21.87 2.29
C GLU A 237 4.63 20.80 2.54
N ILE A 238 4.42 19.60 2.00
CA ILE A 238 5.35 18.52 2.22
C ILE A 238 6.22 18.20 1.00
N THR A 239 5.78 18.62 -0.18
CA THR A 239 6.58 18.41 -1.39
C THR A 239 7.62 19.50 -1.57
N THR A 240 7.45 20.58 -0.84
CA THR A 240 8.46 21.63 -0.74
C THR A 240 8.99 21.73 0.68
N HIS A 241 10.10 22.43 0.85
CA HIS A 241 10.48 22.85 2.19
C HIS A 241 9.59 24.04 2.56
N SER A 242 8.63 23.78 3.43
CA SER A 242 7.73 24.82 3.91
C SER A 242 8.04 25.22 5.34
N PHE A 243 7.86 26.51 5.62
CA PHE A 243 8.19 27.06 6.93
C PHE A 243 7.58 28.45 7.00
N ASN A 244 7.77 29.14 8.12
CA ASN A 244 7.25 30.48 8.19
C ASN A 244 8.34 31.45 8.57
N CYS A 245 8.21 32.65 8.04
CA CYS A 245 9.16 33.69 8.32
C CYS A 245 8.50 35.06 8.40
N GLY A 246 8.73 35.77 9.50
CA GLY A 246 8.20 37.09 9.69
C GLY A 246 6.68 37.06 9.57
N GLY A 247 6.12 35.94 10.04
CA GLY A 247 4.68 35.74 10.02
C GLY A 247 4.17 35.28 8.67
N GLU A 248 5.06 35.19 7.69
CA GLU A 248 4.65 34.83 6.32
C GLU A 248 5.05 33.39 6.05
N PHE A 249 4.25 32.69 5.25
CA PHE A 249 4.50 31.28 4.97
C PHE A 249 5.29 31.07 3.68
N PHE A 250 6.52 30.61 3.83
CA PHE A 250 7.39 30.37 2.69
C PHE A 250 7.30 28.92 2.24
N TYR A 251 7.33 28.70 0.93
CA TYR A 251 7.39 27.36 0.37
C TYR A 251 8.53 27.23 -0.62
N CYS A 252 9.53 26.42 -0.28
CA CYS A 252 10.76 26.34 -1.07
C CYS A 252 11.03 24.99 -1.74
N ASN A 253 11.35 25.07 -3.02
CA ASN A 253 11.67 23.91 -3.84
C ASN A 253 13.02 23.29 -3.53
N THR A 254 12.99 22.02 -3.14
CA THR A 254 14.21 21.35 -2.73
C THR A 254 14.70 20.36 -3.78
N SER A 255 14.21 20.50 -5.02
CA SER A 255 14.71 19.66 -6.12
C SER A 255 16.22 19.77 -6.27
N GLY A 256 16.73 20.99 -6.12
CA GLY A 256 18.15 21.27 -6.22
C GLY A 256 18.96 20.67 -5.10
N LEU A 257 18.27 20.30 -4.02
CA LEU A 257 18.90 19.68 -2.87
C LEU A 257 18.91 18.15 -2.91
N PHE A 258 17.82 17.57 -3.43
CA PHE A 258 17.63 16.13 -3.45
C PHE A 258 17.55 15.58 -4.86
N ASN A 259 18.73 15.35 -5.42
CA ASN A 259 18.88 15.00 -6.82
C ASN A 259 20.30 14.48 -6.99
N SER A 260 20.62 13.42 -6.24
CA SER A 260 21.96 12.86 -6.28
C SER A 260 22.03 11.37 -5.98
N THR A 261 23.04 10.72 -6.54
CA THR A 261 23.26 9.29 -6.36
C THR A 261 24.63 9.04 -5.74
N TRP A 262 24.66 8.34 -4.60
CA TRP A 262 25.90 8.12 -3.85
C TRP A 262 26.30 6.65 -3.78
N TYR A 263 27.29 6.28 -4.59
CA TYR A 263 27.89 4.96 -4.50
C TYR A 263 28.78 4.86 -3.26
N VAL A 264 29.21 3.64 -2.91
CA VAL A 264 30.00 3.40 -1.70
C VAL A 264 31.34 4.17 -1.70
N ASN A 265 31.80 4.49 -2.90
CA ASN A 265 33.06 5.20 -3.15
C ASN A 265 32.93 6.66 -3.60
N SER A 266 31.70 7.17 -3.63
CA SER A 266 31.44 8.55 -4.06
C SER A 266 31.95 9.54 -3.02
N THR A 267 32.49 10.67 -3.46
CA THR A 267 32.87 11.75 -2.57
C THR A 267 32.36 13.06 -3.18
N TRP A 268 32.10 14.06 -2.34
CA TRP A 268 31.56 15.33 -2.84
C TRP A 268 32.49 15.95 -3.90
N ASN A 269 33.78 15.61 -3.83
CA ASN A 269 34.79 16.12 -4.76
C ASN A 269 34.64 15.55 -6.18
N ASP A 270 33.79 14.53 -6.34
CA ASP A 270 33.64 13.85 -7.63
C ASP A 270 33.07 14.76 -8.72
N THR A 271 33.54 14.52 -9.95
CA THR A 271 33.04 15.19 -11.16
C THR A 271 32.83 16.70 -10.98
N ASN A 278 31.11 30.41 -7.58
CA ASN A 278 29.90 30.78 -6.86
C ASN A 278 29.68 29.88 -5.65
N ASP A 279 29.85 28.57 -5.85
CA ASP A 279 29.62 27.56 -4.81
C ASP A 279 28.25 27.70 -4.13
N THR A 280 27.21 27.95 -4.91
CA THR A 280 25.88 28.17 -4.34
C THR A 280 24.77 27.44 -5.09
N ILE A 281 23.88 26.79 -4.32
CA ILE A 281 22.63 26.27 -4.84
C ILE A 281 21.50 27.23 -4.48
N THR A 282 20.82 27.75 -5.50
CA THR A 282 19.68 28.63 -5.27
C THR A 282 18.34 27.91 -5.44
N LEU A 283 17.57 27.88 -4.37
CA LEU A 283 16.25 27.25 -4.36
C LEU A 283 15.15 28.27 -4.57
N PRO A 284 14.31 28.05 -5.59
CA PRO A 284 13.16 28.92 -5.85
C PRO A 284 12.04 28.70 -4.84
N CYS A 285 11.44 29.78 -4.36
CA CYS A 285 10.40 29.67 -3.35
C CYS A 285 9.16 30.45 -3.74
N ARG A 286 8.04 30.16 -3.07
CA ARG A 286 6.82 30.93 -3.24
C ARG A 286 6.15 31.18 -1.89
N ILE A 287 5.60 32.39 -1.73
CA ILE A 287 4.76 32.70 -0.59
C ILE A 287 3.28 32.50 -0.88
N LYS A 288 2.61 31.65 -0.13
CA LYS A 288 1.19 31.40 -0.37
C LYS A 288 0.35 32.05 0.73
N GLN A 289 -0.84 32.49 0.35
CA GLN A 289 -1.78 33.03 1.32
C GLN A 289 -2.77 31.94 1.70
N ILE A 290 -2.97 30.99 0.80
CA ILE A 290 -3.90 29.90 1.02
C ILE A 290 -3.08 28.70 1.39
N ILE A 291 -3.24 28.19 2.61
CA ILE A 291 -2.37 27.13 3.08
C ILE A 291 -3.19 26.05 3.76
N ASN A 292 -2.67 24.84 3.73
CA ASN A 292 -3.23 23.75 4.49
C ASN A 292 -2.63 23.70 5.89
N MET A 293 -3.47 23.75 6.90
CA MET A 293 -3.02 23.77 8.27
C MET A 293 -2.35 22.47 8.66
N TRP A 294 -1.31 22.58 9.47
CA TRP A 294 -0.66 21.43 10.07
C TRP A 294 -1.33 21.00 11.36
N GLN A 295 -1.97 21.95 12.04
CA GLN A 295 -2.57 21.69 13.34
C GLN A 295 -3.73 20.71 13.22
N ARG A 296 -4.34 20.68 12.04
CA ARG A 296 -5.74 20.32 11.89
C ARG A 296 -5.99 20.08 10.41
N ALA A 297 -6.91 19.18 10.09
CA ALA A 297 -7.35 19.05 8.72
C ALA A 297 -8.13 20.32 8.40
N GLY A 298 -7.83 20.92 7.26
CA GLY A 298 -8.55 22.10 6.85
C GLY A 298 -7.64 23.12 6.18
N GLN A 299 -8.24 24.14 5.61
CA GLN A 299 -7.51 25.16 4.88
C GLN A 299 -7.62 26.53 5.55
N ALA A 300 -6.56 27.32 5.43
CA ALA A 300 -6.55 28.67 6.00
C ALA A 300 -6.04 29.69 4.98
N MET A 301 -6.68 30.84 4.97
CA MET A 301 -6.27 31.93 4.09
C MET A 301 -5.85 33.18 4.86
N TYR A 302 -4.66 33.66 4.53
CA TYR A 302 -4.09 34.85 5.15
C TYR A 302 -4.09 36.06 4.23
N ALA A 303 -3.70 37.19 4.80
CA ALA A 303 -3.61 38.46 4.11
C ALA A 303 -2.34 38.46 3.29
N PRO A 304 -2.28 39.31 2.24
CA PRO A 304 -1.04 39.42 1.45
C PRO A 304 0.20 39.70 2.30
N PRO A 305 1.40 39.50 1.73
CA PRO A 305 2.62 39.76 2.51
C PRO A 305 2.89 41.22 2.74
N ILE A 306 3.44 41.53 3.91
CA ILE A 306 3.81 42.90 4.22
C ILE A 306 4.98 43.39 3.39
N PRO A 307 4.93 44.66 2.96
CA PRO A 307 5.99 45.27 2.16
C PRO A 307 7.37 45.16 2.80
N GLY A 308 8.41 45.20 1.97
CA GLY A 308 9.76 45.23 2.47
C GLY A 308 10.54 43.96 2.25
N VAL A 309 11.79 43.99 2.70
CA VAL A 309 12.68 42.86 2.53
C VAL A 309 12.35 41.90 3.66
N ILE A 310 12.07 40.64 3.34
CA ILE A 310 11.89 39.65 4.39
C ILE A 310 13.05 38.66 4.40
N LYS A 311 13.76 38.57 5.52
CA LYS A 311 14.90 37.67 5.59
C LYS A 311 14.85 36.85 6.88
N CYS A 312 15.26 35.59 6.79
CA CYS A 312 15.55 34.77 7.96
C CYS A 312 16.58 33.69 7.71
N GLU A 313 17.81 33.97 8.10
CA GLU A 313 18.92 33.07 7.96
C GLU A 313 18.72 31.99 9.03
N SER A 314 18.80 30.72 8.66
CA SER A 314 18.53 29.66 9.63
C SER A 314 19.63 28.61 9.62
N ASN A 315 19.63 27.76 10.64
CA ASN A 315 20.57 26.65 10.69
C ASN A 315 19.83 25.36 10.38
N ILE A 316 20.29 24.62 9.38
CA ILE A 316 19.77 23.27 9.17
C ILE A 316 20.32 22.33 10.23
N THR A 317 19.43 21.71 11.00
CA THR A 317 19.88 20.85 12.09
C THR A 317 19.39 19.41 11.94
N GLY A 318 18.54 19.17 10.93
CA GLY A 318 18.02 17.83 10.70
C GLY A 318 17.23 17.60 9.41
N LEU A 319 16.90 16.34 9.14
CA LEU A 319 16.13 16.00 7.93
C LEU A 319 14.99 15.05 8.26
N LEU A 320 13.92 15.13 7.48
CA LEU A 320 12.84 14.15 7.52
C LEU A 320 12.79 13.36 6.22
N LEU A 321 13.09 12.07 6.27
CA LEU A 321 13.10 11.30 5.05
C LEU A 321 12.13 10.13 5.09
N THR A 322 11.74 9.68 3.91
CA THR A 322 11.08 8.40 3.75
C THR A 322 11.86 7.56 2.76
N ARG A 323 11.63 6.25 2.77
CA ARG A 323 12.32 5.38 1.83
C ARG A 323 11.28 4.72 0.95
N ASP A 324 11.57 4.66 -0.34
CA ASP A 324 10.70 3.99 -1.29
C ASP A 324 10.55 2.51 -1.01
N GLY A 325 9.36 1.99 -1.27
CA GLY A 325 9.12 0.57 -1.19
C GLY A 325 9.42 -0.05 -2.54
N GLY A 326 8.98 -1.29 -2.72
CA GLY A 326 9.11 -1.95 -4.01
C GLY A 326 9.39 -3.42 -3.82
N LYS A 327 9.82 -4.08 -4.88
CA LYS A 327 10.09 -5.51 -4.82
C LYS A 327 11.57 -5.54 -4.48
N ASP A 328 11.93 -6.11 -3.34
CA ASP A 328 13.28 -5.97 -2.80
C ASP A 328 14.37 -6.34 -3.81
N ASN A 329 15.32 -5.43 -3.92
CA ASN A 329 16.31 -5.39 -4.98
C ASN A 329 17.48 -4.81 -4.22
N ASN A 330 18.51 -5.61 -4.03
CA ASN A 330 19.82 -5.07 -3.73
C ASN A 330 20.27 -3.98 -4.72
N VAL A 331 21.50 -3.54 -4.50
CA VAL A 331 22.23 -2.47 -5.20
C VAL A 331 21.89 -1.10 -4.63
N ASN A 332 20.64 -0.64 -4.71
CA ASN A 332 20.38 0.71 -4.19
C ASN A 332 19.10 0.86 -3.40
N GLU A 333 19.05 1.97 -2.66
CA GLU A 333 17.88 2.44 -1.92
C GLU A 333 17.64 3.90 -2.25
N THR A 334 16.37 4.32 -2.33
CA THR A 334 16.07 5.71 -2.69
C THR A 334 15.34 6.41 -1.55
N PHE A 335 15.81 7.60 -1.23
CA PHE A 335 15.22 8.39 -0.15
C PHE A 335 14.75 9.75 -0.64
N ARG A 336 13.62 10.18 -0.08
CA ARG A 336 12.98 11.42 -0.46
C ARG A 336 12.60 12.20 0.80
N PRO A 337 12.60 13.54 0.71
CA PRO A 337 12.20 14.33 1.88
C PRO A 337 10.72 14.18 2.19
N GLY A 338 10.38 14.27 3.46
CA GLY A 338 9.01 14.09 3.92
C GLY A 338 8.69 14.93 5.13
N GLY A 339 7.79 14.43 5.97
CA GLY A 339 7.33 15.18 7.13
C GLY A 339 5.87 15.55 7.03
N GLY A 340 5.47 16.55 7.80
CA GLY A 340 4.08 16.98 7.80
C GLY A 340 3.46 16.84 9.18
N ASP A 341 3.89 15.80 9.91
CA ASP A 341 3.46 15.63 11.28
C ASP A 341 4.51 16.27 12.18
N MET A 342 4.15 17.42 12.75
CA MET A 342 5.10 18.23 13.51
C MET A 342 5.56 17.57 14.80
N ARG A 343 4.87 16.50 15.21
CA ARG A 343 5.30 15.73 16.38
C ARG A 343 6.70 15.17 16.17
N ASP A 344 7.01 14.84 14.92
CA ASP A 344 8.33 14.33 14.58
C ASP A 344 9.39 15.40 14.78
N ASN A 345 9.04 16.65 14.50
CA ASN A 345 9.94 17.75 14.82
C ASN A 345 10.25 17.78 16.31
N TRP A 346 9.20 17.65 17.13
CA TRP A 346 9.36 17.69 18.58
C TRP A 346 10.14 16.48 19.08
N ARG A 347 9.86 15.32 18.51
CA ARG A 347 10.56 14.09 18.88
C ARG A 347 12.07 14.25 18.74
N SER A 348 12.47 14.97 17.70
CA SER A 348 13.88 15.16 17.40
C SER A 348 14.60 15.90 18.52
N GLU A 349 13.83 16.60 19.35
CA GLU A 349 14.40 17.31 20.49
C GLU A 349 14.12 16.62 21.83
N LEU A 350 12.99 15.94 21.93
CA LEU A 350 12.55 15.39 23.20
C LEU A 350 12.98 13.93 23.39
N TYR A 351 13.69 13.39 22.41
CA TYR A 351 14.01 11.96 22.39
C TYR A 351 14.76 11.48 23.64
N LYS A 352 15.52 12.37 24.27
CA LYS A 352 16.38 11.97 25.39
C LYS A 352 15.66 12.13 26.72
N TYR A 353 14.40 12.55 26.66
CA TYR A 353 13.64 12.77 27.88
C TYR A 353 12.47 11.78 27.96
N LYS A 354 12.10 11.42 29.19
CA LYS A 354 10.85 10.70 29.44
C LYS A 354 10.29 11.06 30.81
N VAL A 355 8.97 11.00 30.94
CA VAL A 355 8.33 11.31 32.21
C VAL A 355 8.14 10.06 33.07
N VAL A 356 8.41 10.20 34.35
CA VAL A 356 8.13 9.15 35.33
C VAL A 356 7.39 9.77 36.50
N GLU A 357 6.61 8.96 37.21
CA GLU A 357 5.96 9.45 38.41
C GLU A 357 6.77 8.92 39.60
N ILE A 358 6.81 9.66 40.70
CA ILE A 358 7.59 9.23 41.86
C ILE A 358 6.69 8.57 42.90
N GLN B 2 -15.72 1.56 10.57
CA GLN B 2 -14.73 1.42 9.50
C GLN B 2 -15.33 0.67 8.30
N ARG B 3 -15.09 1.22 7.12
CA ARG B 3 -15.68 0.70 5.89
C ARG B 3 -15.09 1.43 4.67
N LEU B 4 -14.68 0.65 3.67
CA LEU B 4 -14.05 1.21 2.48
C LEU B 4 -14.74 0.73 1.22
N VAL B 5 -15.52 1.60 0.59
CA VAL B 5 -16.16 1.26 -0.67
C VAL B 5 -15.33 1.79 -1.83
N GLN B 6 -15.10 0.95 -2.84
CA GLN B 6 -14.30 1.34 -3.98
C GLN B 6 -15.14 1.66 -5.21
N SER B 7 -14.46 2.13 -6.25
CA SER B 7 -15.10 2.44 -7.52
C SER B 7 -15.66 1.17 -8.13
N GLY B 8 -16.53 1.33 -9.12
CA GLY B 8 -17.07 0.20 -9.85
C GLY B 8 -16.07 -0.31 -10.87
N PRO B 9 -16.33 -1.49 -11.43
CA PRO B 9 -15.46 -2.10 -12.44
C PRO B 9 -15.36 -1.23 -13.70
N GLN B 10 -14.13 -1.02 -14.17
CA GLN B 10 -13.90 -0.19 -15.35
C GLN B 10 -13.00 -0.93 -16.34
N VAL B 11 -13.27 -0.74 -17.63
CA VAL B 11 -12.49 -1.37 -18.69
C VAL B 11 -11.90 -0.31 -19.61
N ARG B 12 -10.57 -0.22 -19.65
CA ARG B 12 -9.92 0.81 -20.45
C ARG B 12 -9.08 0.21 -21.58
N LYS B 13 -8.66 1.07 -22.51
CA LYS B 13 -7.85 0.65 -23.64
C LYS B 13 -6.36 0.89 -23.33
N PRO B 14 -5.49 -0.01 -23.82
CA PRO B 14 -4.04 0.05 -23.60
C PRO B 14 -3.42 1.39 -23.94
N GLY B 15 -2.56 1.89 -23.05
CA GLY B 15 -1.92 3.17 -23.25
C GLY B 15 -2.63 4.32 -22.55
N SER B 16 -3.95 4.21 -22.44
CA SER B 16 -4.74 5.22 -21.76
C SER B 16 -4.50 5.20 -20.26
N SER B 17 -5.33 5.91 -19.51
CA SER B 17 -5.19 5.99 -18.07
C SER B 17 -6.51 5.73 -17.36
N VAL B 18 -6.43 5.25 -16.11
CA VAL B 18 -7.61 4.94 -15.32
C VAL B 18 -7.48 5.51 -13.91
N ARG B 19 -8.60 5.90 -13.33
CA ARG B 19 -8.64 6.41 -11.95
C ARG B 19 -9.61 5.60 -11.10
N ILE B 20 -9.11 5.12 -9.97
CA ILE B 20 -9.91 4.31 -9.04
C ILE B 20 -10.08 5.05 -7.72
N SER B 21 -11.32 5.14 -7.22
CA SER B 21 -11.57 5.85 -5.98
C SER B 21 -11.86 4.89 -4.81
N CYS B 22 -11.55 5.33 -3.60
CA CYS B 22 -11.76 4.52 -2.40
C CYS B 22 -12.48 5.34 -1.32
N GLU B 23 -13.81 5.31 -1.33
CA GLU B 23 -14.61 6.12 -0.44
C GLU B 23 -14.52 5.64 1.01
N THR B 24 -14.20 6.56 1.92
CA THR B 24 -13.94 6.19 3.31
C THR B 24 -15.03 6.66 4.26
N SER B 25 -15.53 5.73 5.06
CA SER B 25 -16.49 6.04 6.12
C SER B 25 -16.20 5.21 7.36
N GLY B 26 -16.80 5.56 8.49
CA GLY B 26 -16.70 4.76 9.69
C GLY B 26 -15.52 4.98 10.62
N TYR B 27 -14.52 5.75 10.18
CA TYR B 27 -13.35 5.99 11.03
C TYR B 27 -12.66 7.31 10.73
N THR B 28 -11.68 7.65 11.57
CA THR B 28 -10.90 8.89 11.41
C THR B 28 -10.03 8.82 10.16
N PHE B 29 -10.46 9.48 9.11
CA PHE B 29 -9.82 9.39 7.81
C PHE B 29 -8.38 9.89 7.81
N ASN B 30 -8.07 10.82 8.71
CA ASN B 30 -6.76 11.46 8.72
C ASN B 30 -5.72 10.68 9.53
N ALA B 31 -6.18 9.83 10.44
CA ALA B 31 -5.27 9.15 11.35
C ALA B 31 -5.13 7.66 11.04
N TYR B 32 -5.09 7.32 9.76
CA TYR B 32 -4.94 5.93 9.35
C TYR B 32 -4.28 5.80 7.98
N ILE B 33 -3.14 5.13 7.94
CA ILE B 33 -2.37 4.92 6.72
C ILE B 33 -3.11 4.00 5.77
N LEU B 34 -3.29 4.44 4.54
CA LEU B 34 -4.04 3.64 3.57
C LEU B 34 -3.10 3.02 2.54
N HIS B 35 -3.29 1.74 2.24
CA HIS B 35 -2.45 1.05 1.27
C HIS B 35 -3.22 0.63 0.03
N TRP B 36 -2.48 0.35 -1.05
CA TRP B 36 -3.10 -0.08 -2.30
C TRP B 36 -2.48 -1.35 -2.87
N PHE B 37 -3.34 -2.30 -3.22
CA PHE B 37 -2.91 -3.61 -3.71
C PHE B 37 -3.64 -4.00 -4.97
N ARG B 38 -2.93 -4.68 -5.88
CA ARG B 38 -3.58 -5.28 -7.02
C ARG B 38 -3.39 -6.79 -6.95
N GLN B 39 -4.35 -7.53 -7.51
CA GLN B 39 -4.29 -8.99 -7.48
C GLN B 39 -4.53 -9.58 -8.86
N ALA B 40 -3.48 -10.13 -9.46
CA ALA B 40 -3.59 -10.78 -10.77
C ALA B 40 -4.52 -11.97 -10.67
N PRO B 41 -5.23 -12.30 -11.76
CA PRO B 41 -6.16 -13.43 -11.76
C PRO B 41 -5.51 -14.74 -11.33
N GLY B 42 -5.60 -15.06 -10.04
CA GLY B 42 -5.00 -16.26 -9.49
C GLY B 42 -3.79 -15.97 -8.63
N ARG B 43 -2.91 -15.10 -9.11
CA ARG B 43 -1.68 -14.77 -8.40
C ARG B 43 -1.98 -14.10 -7.06
N SER B 44 -0.96 -13.96 -6.22
CA SER B 44 -1.11 -13.30 -4.92
C SER B 44 -1.17 -11.78 -5.06
N PHE B 45 -1.21 -11.09 -3.92
CA PHE B 45 -1.35 -9.64 -3.91
C PHE B 45 -0.03 -8.93 -4.12
N GLU B 46 -0.06 -7.83 -4.86
CA GLU B 46 1.13 -7.01 -5.04
C GLU B 46 0.93 -5.63 -4.42
N TRP B 47 1.95 -5.15 -3.73
CA TRP B 47 1.87 -3.84 -3.10
C TRP B 47 2.21 -2.73 -4.06
N MET B 48 1.33 -1.74 -4.14
CA MET B 48 1.53 -0.67 -5.09
C MET B 48 2.04 0.59 -4.39
N GLY B 49 1.48 0.88 -3.22
CA GLY B 49 1.92 2.03 -2.46
C GLY B 49 0.94 2.52 -1.41
N TRP B 50 1.46 3.20 -0.40
CA TRP B 50 0.60 3.78 0.62
C TRP B 50 0.48 5.28 0.45
N ILE B 51 -0.37 5.89 1.28
CA ILE B 51 -0.60 7.32 1.24
C ILE B 51 -1.21 7.79 2.57
N LYS B 52 -0.44 8.54 3.35
CA LYS B 52 -0.93 9.10 4.60
C LYS B 52 -1.82 10.32 4.31
N PRO B 53 -3.13 10.18 4.55
CA PRO B 53 -4.19 11.06 4.05
C PRO B 53 -4.08 12.54 4.44
N LYS B 54 -3.50 12.84 5.60
CA LYS B 54 -3.56 14.21 6.11
C LYS B 54 -2.88 15.20 5.18
N PHE B 55 -1.71 14.83 4.65
CA PHE B 55 -0.98 15.72 3.76
C PHE B 55 -0.80 15.13 2.37
N GLY B 56 -1.44 14.00 2.13
CA GLY B 56 -1.25 13.27 0.88
C GLY B 56 0.14 12.68 0.78
N ALA B 57 0.82 12.55 1.92
CA ALA B 57 2.16 11.99 1.96
C ALA B 57 2.12 10.61 1.33
N VAL B 58 2.79 10.44 0.19
CA VAL B 58 2.63 9.25 -0.63
C VAL B 58 3.93 8.43 -0.72
N ASN B 59 3.82 7.16 -1.10
CA ASN B 59 4.99 6.34 -1.38
C ASN B 59 4.72 5.30 -2.46
N TYR B 60 5.15 5.59 -3.68
CA TYR B 60 4.97 4.66 -4.77
C TYR B 60 6.02 3.56 -4.66
N ALA B 61 6.00 2.61 -5.59
CA ALA B 61 6.87 1.45 -5.45
C ALA B 61 7.42 0.98 -6.78
N HIS B 62 8.60 0.36 -6.70
CA HIS B 62 9.23 -0.40 -7.78
C HIS B 62 8.93 0.08 -9.20
N SER B 63 8.29 -0.80 -9.98
CA SER B 63 8.05 -0.55 -11.39
C SER B 63 6.83 0.32 -11.63
N PHE B 64 6.20 0.74 -10.54
CA PHE B 64 5.00 1.54 -10.64
C PHE B 64 5.32 3.02 -10.74
N GLN B 65 6.48 3.42 -10.22
CA GLN B 65 6.85 4.83 -10.20
C GLN B 65 6.85 5.45 -11.59
N GLY B 66 6.13 6.56 -11.73
CA GLY B 66 5.98 7.23 -13.01
C GLY B 66 4.73 6.78 -13.75
N ARG B 67 4.07 5.76 -13.21
CA ARG B 67 2.87 5.23 -13.82
C ARG B 67 1.69 5.32 -12.86
N ILE B 68 2.02 5.49 -11.58
CA ILE B 68 1.00 5.52 -10.53
C ILE B 68 1.03 6.84 -9.78
N THR B 69 -0.14 7.30 -9.35
CA THR B 69 -0.26 8.49 -8.53
C THR B 69 -1.37 8.31 -7.50
N LEU B 70 -1.04 8.36 -6.23
CA LEU B 70 -2.03 8.23 -5.18
C LEU B 70 -2.39 9.58 -4.61
N THR B 71 -3.67 9.92 -4.67
CA THR B 71 -4.14 11.20 -4.15
C THR B 71 -5.40 10.98 -3.31
N ARG B 72 -5.77 12.00 -2.54
CA ARG B 72 -7.02 11.96 -1.78
C ARG B 72 -7.71 13.31 -1.84
N ASP B 73 -9.03 13.28 -1.80
CA ASP B 73 -9.82 14.49 -1.67
C ASP B 73 -10.18 14.66 -0.21
N ILE B 74 -9.51 15.60 0.46
CA ILE B 74 -9.57 15.70 1.92
C ILE B 74 -11.01 15.88 2.42
N TYR B 75 -11.83 16.54 1.60
CA TYR B 75 -13.25 16.64 1.86
C TYR B 75 -13.96 15.56 1.03
N ARG B 76 -15.05 15.02 1.57
CA ARG B 76 -15.70 13.79 1.08
C ARG B 76 -14.82 12.56 1.39
N GLU B 77 -13.61 12.80 1.85
CA GLU B 77 -12.70 11.77 2.37
C GLU B 77 -12.47 10.59 1.41
N THR B 78 -12.43 10.88 0.11
CA THR B 78 -12.23 9.83 -0.88
C THR B 78 -10.77 9.77 -1.33
N ALA B 79 -10.21 8.57 -1.38
CA ALA B 79 -8.84 8.37 -1.84
C ALA B 79 -8.83 7.88 -3.30
N PHE B 80 -7.77 8.18 -4.03
CA PHE B 80 -7.69 7.82 -5.45
C PHE B 80 -6.43 7.04 -5.80
N LEU B 81 -6.50 6.29 -6.90
CA LEU B 81 -5.34 5.59 -7.46
C LEU B 81 -5.27 5.77 -8.97
N ASP B 82 -4.23 6.47 -9.42
CA ASP B 82 -4.05 6.75 -10.85
C ASP B 82 -3.13 5.73 -11.48
N LEU B 83 -3.47 5.27 -12.69
CA LEU B 83 -2.64 4.31 -13.40
C LEU B 83 -2.51 4.67 -14.87
N THR B 84 -1.39 5.29 -15.21
CA THR B 84 -1.15 5.76 -16.56
C THR B 84 -0.41 4.72 -17.40
N GLY B 85 -0.53 4.84 -18.71
CA GLY B 85 0.12 3.92 -19.63
C GLY B 85 -0.26 2.48 -19.34
N LEU B 86 -1.56 2.21 -19.40
CA LEU B 86 -2.12 0.92 -19.03
C LEU B 86 -1.66 -0.20 -19.93
N ARG B 87 -0.73 -1.01 -19.44
CA ARG B 87 -0.26 -2.18 -20.16
C ARG B 87 -1.30 -3.28 -20.10
N PHE B 88 -1.17 -4.26 -20.99
CA PHE B 88 -2.09 -5.39 -21.01
C PHE B 88 -2.06 -6.16 -19.69
N ASP B 89 -0.85 -6.39 -19.18
CA ASP B 89 -0.67 -7.23 -18.00
C ASP B 89 -1.04 -6.51 -16.71
N ASP B 90 -1.55 -5.29 -16.82
CA ASP B 90 -2.04 -4.55 -15.66
C ASP B 90 -3.48 -4.94 -15.36
N THR B 91 -4.07 -5.77 -16.22
CA THR B 91 -5.43 -6.23 -16.03
C THR B 91 -5.55 -7.07 -14.76
N ALA B 92 -6.22 -6.52 -13.75
CA ALA B 92 -6.37 -7.17 -12.45
C ALA B 92 -7.51 -6.55 -11.65
N VAL B 93 -7.60 -6.94 -10.38
CA VAL B 93 -8.53 -6.29 -9.48
C VAL B 93 -7.73 -5.53 -8.42
N TYR B 94 -8.09 -4.26 -8.24
CA TYR B 94 -7.31 -3.38 -7.38
C TYR B 94 -7.99 -3.13 -6.04
N TYR B 95 -7.19 -3.13 -4.97
CA TYR B 95 -7.69 -3.05 -3.60
C TYR B 95 -7.15 -1.85 -2.83
N CYS B 96 -7.95 -1.33 -1.88
CA CYS B 96 -7.47 -0.36 -0.91
C CYS B 96 -7.76 -0.87 0.49
N ALA B 97 -6.77 -0.84 1.37
CA ALA B 97 -6.95 -1.42 2.70
C ALA B 97 -6.27 -0.58 3.77
N ARG B 98 -7.00 -0.32 4.84
CA ARG B 98 -6.53 0.57 5.89
C ARG B 98 -5.66 -0.15 6.91
N ASP B 99 -4.54 0.45 7.27
CA ASP B 99 -3.74 -0.03 8.38
C ASP B 99 -4.50 0.18 9.69
N ARG B 100 -4.69 -0.89 10.45
CA ARG B 100 -5.48 -0.85 11.68
C ARG B 100 -4.93 0.07 12.77
N LEU B 101 -3.63 0.37 12.72
CA LEU B 101 -3.02 1.07 13.83
C LEU B 101 -3.24 2.59 13.79
N TYR B 102 -3.89 3.10 14.83
CA TYR B 102 -4.10 4.52 15.02
C TYR B 102 -2.78 5.22 15.31
N ASP B 103 -2.46 6.23 14.51
CA ASP B 103 -1.19 6.96 14.63
C ASP B 103 0.00 6.01 14.60
N GLY B 104 0.35 5.56 13.40
CA GLY B 104 1.47 4.66 13.23
C GLY B 104 1.18 3.54 12.27
N SER B 105 2.21 2.73 12.00
CA SER B 105 2.07 1.63 11.07
C SER B 105 2.34 0.29 11.74
N SER B 106 1.60 -0.72 11.30
CA SER B 106 1.78 -2.07 11.81
C SER B 106 1.51 -3.03 10.67
N TRP B 107 0.96 -2.49 9.60
CA TRP B 107 0.63 -3.23 8.40
C TRP B 107 -0.39 -4.33 8.69
N ARG B 108 -1.35 -3.99 9.54
CA ARG B 108 -2.52 -4.84 9.77
C ARG B 108 -3.67 -4.27 8.95
N LEU B 109 -4.28 -5.10 8.11
CA LEU B 109 -5.22 -4.60 7.12
C LEU B 109 -6.63 -5.14 7.32
N ASP B 110 -7.43 -4.45 8.12
CA ASP B 110 -8.75 -4.97 8.49
C ASP B 110 -9.82 -4.62 7.47
N PRO B 111 -10.00 -3.33 7.14
CA PRO B 111 -11.05 -3.11 6.15
C PRO B 111 -10.49 -3.07 4.73
N TRP B 112 -11.19 -3.75 3.82
CA TRP B 112 -10.73 -3.88 2.44
C TRP B 112 -11.83 -3.45 1.49
N GLY B 113 -11.44 -2.93 0.32
CA GLY B 113 -12.42 -2.56 -0.68
C GLY B 113 -13.05 -3.80 -1.27
N GLN B 114 -14.19 -3.64 -1.94
CA GLN B 114 -14.87 -4.78 -2.54
C GLN B 114 -14.13 -5.24 -3.79
N GLY B 115 -13.12 -4.47 -4.18
CA GLY B 115 -12.29 -4.82 -5.31
C GLY B 115 -12.76 -4.17 -6.60
N THR B 116 -11.85 -3.42 -7.21
CA THR B 116 -12.17 -2.76 -8.46
C THR B 116 -11.59 -3.55 -9.64
N ARG B 117 -12.48 -4.19 -10.38
CA ARG B 117 -12.09 -5.02 -11.51
C ARG B 117 -11.70 -4.19 -12.72
N VAL B 118 -10.44 -4.26 -13.11
CA VAL B 118 -9.92 -3.49 -14.23
C VAL B 118 -9.48 -4.37 -15.37
N VAL B 119 -10.02 -4.12 -16.55
CA VAL B 119 -9.65 -4.88 -17.73
C VAL B 119 -9.03 -3.99 -18.79
N VAL B 120 -7.83 -4.35 -19.25
CA VAL B 120 -7.16 -3.57 -20.26
C VAL B 120 -7.21 -4.27 -21.61
N SER B 121 -8.17 -3.89 -22.44
CA SER B 121 -8.33 -4.52 -23.75
C SER B 121 -8.49 -3.50 -24.87
N SER B 122 -7.67 -3.63 -25.89
CA SER B 122 -7.78 -2.79 -27.08
C SER B 122 -8.96 -3.26 -27.92
N ALA B 123 -10.15 -3.19 -27.34
CA ALA B 123 -11.35 -3.69 -27.98
C ALA B 123 -12.52 -2.78 -27.70
N SER B 124 -13.54 -2.86 -28.55
CA SER B 124 -14.77 -2.11 -28.36
C SER B 124 -15.89 -3.09 -28.09
N THR B 125 -16.86 -2.67 -27.28
CA THR B 125 -18.02 -3.50 -26.95
C THR B 125 -18.68 -4.14 -28.17
N LYS B 126 -18.91 -5.44 -28.06
CA LYS B 126 -19.46 -6.27 -29.14
C LYS B 126 -20.14 -7.51 -28.54
N GLY B 127 -21.35 -7.80 -28.99
CA GLY B 127 -22.01 -9.01 -28.55
C GLY B 127 -21.43 -10.26 -29.18
N PRO B 128 -21.64 -11.41 -28.53
CA PRO B 128 -21.11 -12.70 -28.97
C PRO B 128 -21.83 -13.34 -30.16
N SER B 129 -21.08 -14.16 -30.90
CA SER B 129 -21.66 -15.16 -31.76
C SER B 129 -21.77 -16.45 -30.95
N VAL B 130 -22.86 -17.19 -31.14
CA VAL B 130 -23.06 -18.42 -30.39
C VAL B 130 -23.18 -19.64 -31.31
N PHE B 131 -22.23 -20.57 -31.16
CA PHE B 131 -22.15 -21.72 -32.04
C PHE B 131 -22.38 -23.02 -31.27
N PRO B 132 -22.88 -24.05 -31.96
CA PRO B 132 -23.15 -25.33 -31.29
C PRO B 132 -21.90 -26.18 -31.13
N LEU B 133 -21.79 -26.86 -30.00
CA LEU B 133 -20.85 -27.96 -29.87
C LEU B 133 -21.57 -29.30 -29.90
N LEU B 147 -23.62 -32.10 -24.16
CA LEU B 147 -23.88 -31.10 -25.17
C LEU B 147 -23.65 -29.70 -24.62
N GLY B 148 -23.67 -28.70 -25.49
CA GLY B 148 -23.39 -27.34 -25.06
C GLY B 148 -23.55 -26.25 -26.10
N CYS B 149 -23.14 -25.05 -25.69
CA CYS B 149 -23.13 -23.88 -26.57
C CYS B 149 -21.80 -23.16 -26.43
N LEU B 150 -21.23 -22.77 -27.57
CA LEU B 150 -19.98 -22.01 -27.59
C LEU B 150 -20.22 -20.51 -27.80
N VAL B 151 -19.85 -19.73 -26.78
CA VAL B 151 -20.10 -18.30 -26.77
C VAL B 151 -18.81 -17.53 -27.02
N LYS B 152 -18.55 -17.14 -28.27
CA LYS B 152 -17.22 -16.74 -28.66
C LYS B 152 -17.17 -15.26 -29.02
N ASP B 153 -16.08 -14.61 -28.64
CA ASP B 153 -15.74 -13.27 -29.12
C ASP B 153 -16.72 -12.19 -28.66
N TYR B 154 -16.91 -12.04 -27.36
CA TYR B 154 -17.78 -10.97 -26.89
C TYR B 154 -16.96 -10.04 -26.01
N PHE B 155 -17.47 -8.83 -25.79
CA PHE B 155 -16.78 -7.86 -24.95
C PHE B 155 -17.72 -6.71 -24.56
N PRO B 156 -17.67 -6.27 -23.30
CA PRO B 156 -16.93 -6.81 -22.16
C PRO B 156 -17.72 -7.90 -21.44
N GLU B 157 -17.17 -8.39 -20.34
CA GLU B 157 -17.95 -9.18 -19.40
C GLU B 157 -19.08 -8.35 -18.80
N PRO B 158 -20.13 -8.99 -18.28
CA PRO B 158 -20.27 -10.46 -18.27
C PRO B 158 -21.37 -10.94 -19.20
N VAL B 159 -21.43 -12.25 -19.36
CA VAL B 159 -22.52 -12.91 -20.07
C VAL B 159 -23.12 -13.95 -19.14
N THR B 160 -24.45 -14.14 -19.20
CA THR B 160 -25.07 -15.26 -18.50
C THR B 160 -25.74 -16.24 -19.46
N VAL B 161 -25.82 -17.51 -19.04
CA VAL B 161 -26.39 -18.56 -19.86
C VAL B 161 -27.31 -19.46 -19.03
N SER B 162 -28.49 -19.75 -19.56
CA SER B 162 -29.36 -20.75 -18.98
C SER B 162 -29.72 -21.79 -20.03
N TRP B 163 -30.31 -22.90 -19.59
CA TRP B 163 -30.80 -23.91 -20.52
C TRP B 163 -32.31 -24.12 -20.39
N ASN B 164 -32.97 -24.21 -21.54
CA ASN B 164 -34.41 -24.37 -21.64
C ASN B 164 -35.18 -23.42 -20.72
N SER B 165 -34.77 -22.15 -20.73
CA SER B 165 -35.47 -21.09 -20.00
C SER B 165 -35.49 -21.31 -18.49
N GLY B 166 -34.50 -22.04 -17.97
CA GLY B 166 -34.45 -22.30 -16.53
C GLY B 166 -35.03 -23.64 -16.12
N ALA B 167 -35.60 -24.36 -17.08
CA ALA B 167 -36.27 -25.63 -16.83
C ALA B 167 -35.25 -26.74 -16.63
N LEU B 168 -34.03 -26.50 -17.11
CA LEU B 168 -32.95 -27.46 -16.95
C LEU B 168 -31.88 -26.88 -16.05
N THR B 169 -31.77 -27.45 -14.85
CA THR B 169 -30.81 -26.98 -13.86
C THR B 169 -29.92 -28.10 -13.33
N SER B 170 -29.97 -29.26 -13.97
CA SER B 170 -29.17 -30.40 -13.51
C SER B 170 -28.13 -30.77 -14.56
N GLY B 171 -26.91 -31.05 -14.11
CA GLY B 171 -25.86 -31.46 -15.02
C GLY B 171 -25.17 -30.30 -15.70
N VAL B 172 -25.59 -29.08 -15.37
CA VAL B 172 -25.00 -27.91 -16.00
C VAL B 172 -23.71 -27.45 -15.32
N HIS B 173 -22.72 -27.17 -16.15
CA HIS B 173 -21.49 -26.51 -15.74
C HIS B 173 -21.24 -25.31 -16.65
N THR B 174 -21.34 -24.11 -16.10
CA THR B 174 -21.02 -22.91 -16.84
C THR B 174 -19.64 -22.39 -16.45
N PHE B 175 -18.71 -22.44 -17.41
CA PHE B 175 -17.30 -22.13 -17.15
C PHE B 175 -17.00 -20.63 -17.05
N PRO B 176 -15.98 -20.28 -16.25
CA PRO B 176 -15.39 -18.95 -16.21
C PRO B 176 -14.89 -18.50 -17.58
N ALA B 177 -15.08 -17.22 -17.91
CA ALA B 177 -14.65 -16.73 -19.22
C ALA B 177 -13.13 -16.72 -19.29
N VAL B 178 -12.62 -16.80 -20.52
CA VAL B 178 -11.20 -16.56 -20.77
C VAL B 178 -11.00 -15.33 -21.65
N LEU B 179 -9.84 -14.70 -21.53
CA LEU B 179 -9.51 -13.57 -22.38
C LEU B 179 -8.61 -14.03 -23.52
N GLN B 180 -9.08 -13.82 -24.73
CA GLN B 180 -8.32 -14.22 -25.91
C GLN B 180 -7.29 -13.17 -26.26
N SER B 181 -6.27 -13.57 -27.02
CA SER B 181 -5.24 -12.64 -27.44
C SER B 181 -5.82 -11.48 -28.24
N SER B 182 -7.01 -11.68 -28.79
CA SER B 182 -7.72 -10.63 -29.52
C SER B 182 -8.25 -9.54 -28.59
N GLY B 183 -8.32 -9.83 -27.29
CA GLY B 183 -8.88 -8.87 -26.37
C GLY B 183 -10.35 -9.13 -26.11
N LEU B 184 -10.88 -10.17 -26.75
CA LEU B 184 -12.26 -10.59 -26.55
C LEU B 184 -12.37 -11.80 -25.66
N TYR B 185 -13.52 -11.94 -25.00
CA TYR B 185 -13.75 -13.07 -24.11
C TYR B 185 -14.44 -14.21 -24.83
N SER B 186 -14.30 -15.40 -24.25
CA SER B 186 -15.00 -16.59 -24.73
C SER B 186 -15.23 -17.51 -23.54
N LEU B 187 -16.36 -18.20 -23.53
CA LEU B 187 -16.60 -19.28 -22.59
C LEU B 187 -17.43 -20.40 -23.23
N SER B 188 -17.47 -21.55 -22.57
CA SER B 188 -18.39 -22.59 -22.98
C SER B 188 -19.34 -22.92 -21.83
N SER B 189 -20.54 -23.38 -22.16
CA SER B 189 -21.43 -23.97 -21.16
C SER B 189 -21.86 -25.36 -21.61
N VAL B 190 -21.74 -26.33 -20.70
CA VAL B 190 -22.06 -27.70 -21.05
C VAL B 190 -23.04 -28.29 -20.04
N VAL B 191 -23.68 -29.38 -20.46
CA VAL B 191 -24.62 -30.09 -19.60
C VAL B 191 -24.62 -31.58 -19.96
N THR B 192 -24.75 -32.45 -18.96
CA THR B 192 -24.89 -33.87 -19.22
C THR B 192 -26.33 -34.35 -19.02
N VAL B 193 -26.78 -35.23 -19.92
CA VAL B 193 -28.16 -35.70 -19.96
C VAL B 193 -28.16 -37.17 -20.40
N PRO B 194 -29.31 -37.88 -20.23
CA PRO B 194 -29.32 -39.26 -20.72
C PRO B 194 -29.22 -39.30 -22.24
N SER B 195 -28.39 -40.19 -22.78
CA SER B 195 -28.24 -40.34 -24.22
C SER B 195 -29.52 -40.68 -25.00
N SER B 196 -30.42 -41.44 -24.38
CA SER B 196 -31.63 -41.87 -25.07
C SER B 196 -32.60 -40.71 -25.37
N SER B 197 -32.36 -39.56 -24.75
CA SER B 197 -33.26 -38.42 -24.88
C SER B 197 -32.91 -37.48 -26.04
N LEU B 198 -31.72 -37.64 -26.60
CA LEU B 198 -31.20 -36.68 -27.59
C LEU B 198 -32.05 -36.66 -28.86
N GLY B 199 -32.73 -37.76 -29.12
CA GLY B 199 -33.57 -37.89 -30.30
C GLY B 199 -34.99 -37.42 -30.04
N THR B 200 -35.30 -37.17 -28.77
CA THR B 200 -36.67 -36.92 -28.35
C THR B 200 -36.81 -35.63 -27.53
N GLN B 201 -35.78 -35.28 -26.77
CA GLN B 201 -35.82 -34.07 -25.96
C GLN B 201 -35.19 -32.89 -26.72
N THR B 202 -35.94 -31.80 -26.83
CA THR B 202 -35.37 -30.56 -27.37
C THR B 202 -34.47 -29.88 -26.34
N TYR B 203 -33.31 -29.41 -26.80
CA TYR B 203 -32.40 -28.67 -25.93
C TYR B 203 -32.05 -27.29 -26.48
N ILE B 204 -32.35 -26.25 -25.70
CA ILE B 204 -32.07 -24.89 -26.13
C ILE B 204 -31.30 -24.13 -25.04
N CYS B 205 -30.20 -23.49 -25.43
CA CYS B 205 -29.49 -22.63 -24.49
C CYS B 205 -29.91 -21.19 -24.71
N ASN B 206 -30.20 -20.50 -23.61
CA ASN B 206 -30.61 -19.11 -23.69
C ASN B 206 -29.52 -18.19 -23.19
N VAL B 207 -28.98 -17.36 -24.08
CA VAL B 207 -27.83 -16.53 -23.76
C VAL B 207 -28.23 -15.07 -23.79
N ASN B 208 -27.90 -14.32 -22.73
CA ASN B 208 -28.18 -12.89 -22.69
C ASN B 208 -26.89 -12.12 -22.44
N HIS B 209 -26.57 -11.17 -23.31
CA HIS B 209 -25.42 -10.31 -23.09
C HIS B 209 -25.85 -8.85 -23.04
N LYS B 210 -26.25 -8.42 -21.85
CA LYS B 210 -26.86 -7.12 -21.66
C LYS B 210 -25.97 -5.93 -22.04
N PRO B 211 -24.64 -6.02 -21.82
CA PRO B 211 -23.85 -4.83 -22.19
C PRO B 211 -23.99 -4.46 -23.66
N SER B 212 -24.18 -5.45 -24.52
CA SER B 212 -24.43 -5.18 -25.92
C SER B 212 -25.90 -5.40 -26.24
N ASN B 213 -26.67 -5.70 -25.19
CA ASN B 213 -28.11 -5.94 -25.30
C ASN B 213 -28.37 -7.10 -26.27
N THR B 214 -27.52 -8.12 -26.25
CA THR B 214 -27.69 -9.24 -27.16
C THR B 214 -28.19 -10.49 -26.48
N LYS B 215 -29.32 -10.99 -26.96
CA LYS B 215 -29.83 -12.29 -26.51
C LYS B 215 -29.98 -13.25 -27.68
N VAL B 216 -29.56 -14.49 -27.48
CA VAL B 216 -29.64 -15.51 -28.51
C VAL B 216 -30.21 -16.82 -27.96
N ASP B 217 -31.16 -17.40 -28.68
CA ASP B 217 -31.60 -18.75 -28.38
C ASP B 217 -31.19 -19.67 -29.52
N LYS B 218 -30.34 -20.63 -29.22
CA LYS B 218 -29.75 -21.48 -30.24
C LYS B 218 -30.11 -22.94 -29.97
N LYS B 219 -30.92 -23.52 -30.86
CA LYS B 219 -31.24 -24.95 -30.76
C LYS B 219 -30.05 -25.75 -31.28
N VAL B 220 -29.66 -26.75 -30.51
CA VAL B 220 -28.53 -27.61 -30.83
C VAL B 220 -28.89 -29.10 -30.97
N GLU B 221 -28.58 -29.66 -32.14
CA GLU B 221 -28.89 -31.04 -32.47
C GLU B 221 -27.70 -31.64 -33.23
N PRO B 222 -27.67 -32.98 -33.41
CA PRO B 222 -26.60 -33.62 -34.18
C PRO B 222 -26.43 -33.13 -35.62
N LYS B 223 -27.53 -33.00 -36.34
CA LYS B 223 -27.49 -32.54 -37.71
C LYS B 223 -28.80 -31.89 -38.12
N ILE C 2 9.53 -9.16 3.53
CA ILE C 2 10.58 -8.68 2.65
C ILE C 2 10.80 -9.70 1.53
N GLN C 3 10.49 -10.96 1.83
CA GLN C 3 10.56 -12.03 0.85
C GLN C 3 9.88 -13.28 1.42
N MET C 4 8.81 -13.74 0.78
CA MET C 4 8.02 -14.82 1.36
C MET C 4 8.06 -16.13 0.58
N THR C 5 7.99 -17.23 1.32
CA THR C 5 7.86 -18.57 0.75
C THR C 5 6.85 -19.35 1.58
N GLN C 6 5.72 -19.69 0.96
CA GLN C 6 4.60 -20.30 1.68
C GLN C 6 4.31 -21.71 1.22
N SER C 7 4.41 -22.66 2.16
CA SER C 7 4.17 -24.07 1.88
C SER C 7 2.96 -24.57 2.63
N PRO C 8 2.12 -25.38 1.96
CA PRO C 8 2.30 -25.77 0.57
C PRO C 8 1.51 -24.89 -0.40
N SER C 9 1.81 -24.99 -1.68
CA SER C 9 1.11 -24.23 -2.70
C SER C 9 -0.37 -24.58 -2.70
N SER C 10 -0.68 -25.85 -2.50
CA SER C 10 -2.06 -26.30 -2.39
C SER C 10 -2.17 -27.33 -1.27
N LEU C 11 -3.40 -27.73 -0.97
CA LEU C 11 -3.64 -28.70 0.10
C LEU C 11 -5.13 -29.06 0.09
N ALA C 12 -5.44 -30.26 0.57
CA ALA C 12 -6.82 -30.70 0.59
C ALA C 12 -7.08 -31.59 1.80
N VAL C 13 -7.80 -31.04 2.77
CA VAL C 13 -8.15 -31.78 3.98
C VAL C 13 -9.65 -31.70 4.21
N SER C 14 -10.26 -32.83 4.57
CA SER C 14 -11.69 -32.89 4.82
C SER C 14 -12.06 -32.24 6.15
N VAL C 15 -13.36 -32.10 6.40
CA VAL C 15 -13.88 -31.43 7.59
C VAL C 15 -13.38 -32.04 8.90
N GLY C 16 -12.52 -31.31 9.60
CA GLY C 16 -12.06 -31.74 10.90
C GLY C 16 -10.55 -31.79 11.06
N GLY C 17 -9.86 -32.21 10.01
CA GLY C 17 -8.42 -32.43 10.09
C GLY C 17 -7.63 -31.20 10.47
N ARG C 18 -6.72 -31.35 11.43
CA ARG C 18 -5.89 -30.22 11.87
C ARG C 18 -4.89 -29.79 10.79
N VAL C 19 -5.04 -28.57 10.29
CA VAL C 19 -4.19 -28.07 9.20
C VAL C 19 -3.03 -27.25 9.76
N THR C 20 -1.88 -27.32 9.09
CA THR C 20 -0.71 -26.54 9.48
C THR C 20 0.00 -25.97 8.27
N ILE C 21 0.08 -24.64 8.21
CA ILE C 21 0.79 -23.98 7.12
C ILE C 21 2.06 -23.32 7.65
N THR C 22 3.16 -23.46 6.91
CA THR C 22 4.42 -22.88 7.32
C THR C 22 4.82 -21.78 6.35
N CYS C 23 5.21 -20.62 6.87
CA CYS C 23 5.76 -19.56 6.03
C CYS C 23 7.19 -19.25 6.46
N ARG C 24 8.13 -19.43 5.55
CA ARG C 24 9.53 -19.08 5.79
C ARG C 24 9.88 -17.87 4.94
N ALA C 25 10.82 -17.06 5.42
CA ALA C 25 11.13 -15.80 4.78
C ALA C 25 12.63 -15.50 4.74
N SER C 26 12.98 -14.31 4.29
CA SER C 26 14.34 -13.81 4.40
C SER C 26 14.68 -13.63 5.88
N GLN C 27 15.98 -13.57 6.18
CA GLN C 27 16.53 -13.71 7.55
C GLN C 27 15.59 -13.44 8.72
N GLY C 28 15.60 -12.22 9.26
CA GLY C 28 14.87 -11.94 10.48
C GLY C 28 13.71 -10.98 10.32
N ILE C 29 12.54 -11.37 10.82
CA ILE C 29 11.40 -10.47 10.80
C ILE C 29 10.74 -10.38 12.17
N GLY C 30 11.32 -11.07 13.15
CA GLY C 30 10.81 -11.04 14.51
C GLY C 30 9.45 -11.69 14.67
N SER C 31 8.42 -10.86 14.86
CA SER C 31 7.06 -11.37 15.03
C SER C 31 6.08 -10.66 14.11
N ASP C 32 6.62 -9.93 13.14
CA ASP C 32 5.81 -9.07 12.30
C ASP C 32 5.27 -9.79 11.07
N LEU C 33 4.69 -10.97 11.28
CA LEU C 33 4.04 -11.71 10.22
C LEU C 33 2.55 -11.83 10.51
N HIS C 34 1.72 -11.52 9.51
CA HIS C 34 0.28 -11.56 9.68
C HIS C 34 -0.34 -12.60 8.74
N TRP C 35 -1.55 -13.05 9.07
CA TRP C 35 -2.20 -14.12 8.33
C TRP C 35 -3.58 -13.75 7.83
N TYR C 36 -3.82 -13.98 6.55
CA TYR C 36 -5.09 -13.61 5.92
C TYR C 36 -5.90 -14.79 5.43
N GLN C 37 -7.03 -14.48 4.79
CA GLN C 37 -7.92 -15.50 4.26
C GLN C 37 -8.90 -14.88 3.27
N GLN C 38 -8.96 -15.39 2.05
CA GLN C 38 -9.93 -14.86 1.10
C GLN C 38 -10.70 -15.94 0.34
N LYS C 39 -12.00 -15.70 0.18
CA LYS C 39 -12.87 -16.61 -0.58
C LYS C 39 -13.01 -16.15 -2.02
N ARG C 40 -13.60 -16.99 -2.87
CA ARG C 40 -13.68 -16.71 -4.29
C ARG C 40 -14.51 -15.47 -4.58
N GLY C 41 -13.87 -14.46 -5.15
CA GLY C 41 -14.54 -13.21 -5.48
C GLY C 41 -14.64 -12.24 -4.32
N ARG C 42 -13.90 -12.50 -3.27
CA ARG C 42 -13.96 -11.68 -2.06
C ARG C 42 -12.58 -11.14 -1.69
N PRO C 43 -12.55 -9.97 -1.03
CA PRO C 43 -11.33 -9.42 -0.45
C PRO C 43 -10.92 -10.17 0.81
N PRO C 44 -9.60 -10.24 1.09
CA PRO C 44 -9.05 -10.96 2.23
C PRO C 44 -9.46 -10.39 3.58
N LYS C 45 -9.13 -11.11 4.64
CA LYS C 45 -9.51 -10.75 6.00
C LYS C 45 -8.42 -11.16 6.99
N ILE C 46 -8.07 -10.26 7.89
CA ILE C 46 -7.04 -10.53 8.90
C ILE C 46 -7.54 -11.59 9.89
N LEU C 47 -6.69 -12.56 10.20
CA LEU C 47 -7.03 -13.63 11.14
C LEU C 47 -6.06 -13.64 12.32
N ILE C 48 -4.76 -13.64 12.00
CA ILE C 48 -3.71 -13.64 13.02
C ILE C 48 -2.70 -12.54 12.71
N HIS C 49 -2.33 -11.79 13.74
CA HIS C 49 -1.35 -10.73 13.62
C HIS C 49 -0.27 -10.91 14.68
N HIS C 50 0.84 -10.22 14.49
CA HIS C 50 1.98 -10.29 15.39
C HIS C 50 2.43 -11.72 15.69
N ALA C 51 2.42 -12.56 14.64
CA ALA C 51 3.00 -13.91 14.67
C ALA C 51 2.31 -14.93 15.58
N SER C 52 1.59 -14.47 16.59
CA SER C 52 0.98 -15.38 17.54
C SER C 52 -0.45 -14.99 17.87
N ALA C 53 -0.72 -13.68 17.80
CA ALA C 53 -1.96 -13.12 18.32
C ALA C 53 -3.18 -13.37 17.44
N ARG C 54 -4.32 -13.53 18.10
CA ARG C 54 -5.60 -13.65 17.41
C ARG C 54 -6.27 -12.28 17.40
N GLU C 55 -7.36 -12.14 16.66
CA GLU C 55 -8.10 -10.87 16.72
C GLU C 55 -9.60 -11.12 16.75
N GLU C 56 -10.34 -10.10 17.15
CA GLU C 56 -11.77 -10.17 17.31
C GLU C 56 -12.42 -10.62 16.03
N GLY C 57 -13.45 -11.44 16.14
CA GLY C 57 -14.17 -11.92 14.97
C GLY C 57 -14.26 -13.42 14.89
N VAL C 58 -13.39 -14.01 14.07
CA VAL C 58 -13.29 -15.46 13.95
C VAL C 58 -12.75 -16.10 15.21
N PRO C 59 -13.02 -17.41 15.42
CA PRO C 59 -12.64 -18.03 16.69
C PRO C 59 -11.14 -18.08 16.96
N SER C 60 -10.78 -18.61 18.13
CA SER C 60 -9.37 -18.79 18.49
C SER C 60 -8.91 -20.24 18.34
N ARG C 61 -9.69 -21.02 17.60
CA ARG C 61 -9.24 -22.30 17.11
C ARG C 61 -8.17 -22.05 16.05
N PHE C 62 -8.29 -20.89 15.40
CA PHE C 62 -7.24 -20.33 14.56
C PHE C 62 -6.09 -19.88 15.44
N GLY C 63 -4.87 -20.09 14.99
CA GLY C 63 -3.73 -19.69 15.78
C GLY C 63 -2.44 -19.63 15.02
N GLY C 64 -1.42 -19.07 15.63
CA GLY C 64 -0.10 -19.04 15.04
C GLY C 64 0.97 -19.10 16.11
N SER C 65 2.14 -19.58 15.74
CA SER C 65 3.26 -19.56 16.67
C SER C 65 4.58 -19.51 15.91
N GLY C 66 5.66 -19.27 16.63
CA GLY C 66 6.97 -19.23 16.02
C GLY C 66 7.66 -17.89 16.18
N SER C 67 8.92 -17.85 15.76
CA SER C 67 9.72 -16.64 15.85
C SER C 67 10.79 -16.64 14.77
N HIS C 68 11.47 -15.52 14.62
CA HIS C 68 12.57 -15.38 13.67
C HIS C 68 12.14 -15.67 12.24
N THR C 69 12.70 -16.72 11.65
CA THR C 69 12.45 -17.00 10.23
C THR C 69 11.20 -17.84 9.95
N PRO C 70 10.99 -18.97 10.68
CA PRO C 70 9.81 -19.75 10.34
C PRO C 70 8.58 -19.44 11.18
N PHE C 71 7.39 -19.67 10.61
CA PHE C 71 6.14 -19.49 11.35
C PHE C 71 5.11 -20.51 10.92
N ILE C 72 4.14 -20.75 11.79
CA ILE C 72 3.12 -21.76 11.53
C ILE C 72 1.71 -21.20 11.77
N PHE C 73 0.82 -21.49 10.84
CA PHE C 73 -0.59 -21.11 10.94
C PHE C 73 -1.42 -22.36 11.13
N THR C 74 -2.23 -22.41 12.18
CA THR C 74 -2.90 -23.65 12.54
C THR C 74 -4.42 -23.52 12.74
N ILE C 75 -5.14 -24.48 12.15
CA ILE C 75 -6.57 -24.60 12.34
C ILE C 75 -6.84 -25.93 13.00
N ASN C 76 -7.13 -25.91 14.29
CA ASN C 76 -7.25 -27.14 15.07
C ASN C 76 -8.43 -28.01 14.63
N ASP C 77 -9.55 -27.38 14.28
CA ASP C 77 -10.73 -28.13 13.88
C ASP C 77 -11.39 -27.53 12.64
N LEU C 78 -11.04 -28.04 11.47
CA LEU C 78 -11.52 -27.47 10.21
C LEU C 78 -13.04 -27.63 10.04
N GLN C 79 -13.70 -26.56 9.62
CA GLN C 79 -15.12 -26.59 9.27
C GLN C 79 -15.29 -26.52 7.75
N LEU C 80 -16.50 -26.25 7.29
CA LEU C 80 -16.78 -26.28 5.85
C LEU C 80 -16.57 -24.92 5.20
N ASP C 81 -16.88 -23.86 5.92
CA ASP C 81 -16.79 -22.51 5.38
C ASP C 81 -15.37 -21.96 5.50
N ASP C 82 -14.46 -22.76 6.04
CA ASP C 82 -13.07 -22.36 6.18
C ASP C 82 -12.30 -22.62 4.90
N VAL C 83 -12.94 -23.34 3.98
CA VAL C 83 -12.31 -23.67 2.70
C VAL C 83 -12.07 -22.41 1.88
N ALA C 84 -10.87 -21.86 1.98
CA ALA C 84 -10.52 -20.67 1.23
C ALA C 84 -9.01 -20.60 1.07
N THR C 85 -8.54 -19.66 0.26
CA THR C 85 -7.12 -19.47 0.06
C THR C 85 -6.54 -18.63 1.21
N TYR C 86 -5.38 -19.03 1.71
CA TYR C 86 -4.76 -18.33 2.84
C TYR C 86 -3.43 -17.69 2.44
N TYR C 87 -3.10 -16.57 3.07
CA TYR C 87 -1.87 -15.85 2.75
C TYR C 87 -1.17 -15.31 4.00
N CYS C 88 0.16 -15.38 4.01
CA CYS C 88 0.96 -14.76 5.06
C CYS C 88 1.61 -13.49 4.52
N GLN C 89 1.67 -12.47 5.36
CA GLN C 89 2.19 -11.20 4.90
C GLN C 89 3.14 -10.56 5.91
N VAL C 90 4.23 -9.99 5.39
CA VAL C 90 5.09 -9.14 6.16
C VAL C 90 5.29 -7.83 5.39
N ILE C 91 4.95 -6.72 6.05
CA ILE C 91 4.81 -5.39 5.45
C ILE C 91 4.40 -5.43 3.97
N GLU C 92 5.32 -5.14 3.07
CA GLU C 92 4.99 -5.06 1.65
C GLU C 92 4.92 -6.43 0.97
N SER C 93 5.41 -7.46 1.65
CA SER C 93 5.56 -8.77 1.02
C SER C 93 4.48 -9.78 1.42
N PHE C 94 3.96 -10.48 0.42
CA PHE C 94 2.95 -11.51 0.64
C PHE C 94 3.46 -12.90 0.30
N GLY C 95 2.87 -13.90 0.94
CA GLY C 95 3.15 -15.28 0.61
C GLY C 95 2.60 -15.63 -0.75
N GLN C 96 3.06 -16.74 -1.30
CA GLN C 96 2.59 -17.17 -2.61
C GLN C 96 1.10 -17.50 -2.57
N GLY C 97 0.65 -18.01 -1.42
CA GLY C 97 -0.76 -18.35 -1.23
C GLY C 97 -1.05 -19.85 -1.22
N THR C 98 -1.83 -20.30 -0.24
CA THR C 98 -2.21 -21.71 -0.09
C THR C 98 -3.66 -21.97 -0.44
N ARG C 99 -3.93 -22.70 -1.53
CA ARG C 99 -5.32 -23.01 -1.88
C ARG C 99 -5.80 -24.21 -1.08
N LEU C 100 -6.65 -23.96 -0.09
CA LEU C 100 -7.18 -25.04 0.73
C LEU C 100 -8.25 -25.79 -0.03
N ASP C 101 -8.62 -26.97 0.46
CA ASP C 101 -9.61 -27.81 -0.22
C ASP C 101 -10.10 -28.90 0.72
N ILE C 102 -11.18 -29.58 0.34
CA ILE C 102 -11.64 -30.72 1.10
C ILE C 102 -11.20 -32.01 0.42
N ASN C 103 -10.91 -33.03 1.21
CA ASN C 103 -10.44 -34.30 0.67
C ASN C 103 -11.61 -35.10 0.12
N ARG C 104 -11.32 -36.01 -0.80
CA ARG C 104 -12.34 -36.82 -1.45
C ARG C 104 -11.69 -38.00 -2.16
N THR C 105 -12.42 -39.12 -2.25
CA THR C 105 -12.00 -40.26 -3.05
C THR C 105 -11.63 -39.80 -4.47
N VAL C 106 -10.43 -40.16 -4.91
CA VAL C 106 -9.94 -39.76 -6.24
C VAL C 106 -10.92 -40.18 -7.33
N ALA C 107 -11.46 -39.21 -8.06
CA ALA C 107 -12.44 -39.49 -9.10
C ALA C 107 -11.91 -39.11 -10.48
N ALA C 108 -11.89 -40.08 -11.38
CA ALA C 108 -11.39 -39.85 -12.74
C ALA C 108 -12.39 -39.02 -13.54
N PRO C 109 -11.89 -38.18 -14.46
CA PRO C 109 -12.74 -37.42 -15.37
C PRO C 109 -13.33 -38.25 -16.50
N SER C 110 -14.52 -37.87 -16.93
CA SER C 110 -15.04 -38.28 -18.23
C SER C 110 -14.63 -37.26 -19.28
N VAL C 111 -14.22 -37.75 -20.45
CA VAL C 111 -13.62 -36.89 -21.46
C VAL C 111 -14.47 -36.89 -22.72
N PHE C 112 -14.68 -35.70 -23.29
CA PHE C 112 -15.46 -35.52 -24.50
C PHE C 112 -14.76 -34.56 -25.44
N ILE C 113 -14.83 -34.85 -26.73
CA ILE C 113 -14.30 -33.94 -27.73
C ILE C 113 -15.42 -33.41 -28.64
N PHE C 114 -15.32 -32.13 -29.00
CA PHE C 114 -16.31 -31.48 -29.83
C PHE C 114 -15.65 -30.85 -31.04
N PRO C 115 -16.10 -31.23 -32.24
CA PRO C 115 -15.61 -30.63 -33.48
C PRO C 115 -16.16 -29.22 -33.66
N PRO C 116 -15.54 -28.42 -34.52
CA PRO C 116 -16.13 -27.13 -34.89
C PRO C 116 -17.45 -27.27 -35.62
N SER C 117 -18.36 -26.35 -35.36
CA SER C 117 -19.66 -26.34 -36.04
C SER C 117 -19.50 -25.84 -37.47
N ASP C 118 -20.47 -26.19 -38.33
CA ASP C 118 -20.47 -25.71 -39.70
C ASP C 118 -20.54 -24.19 -39.72
N GLU C 119 -21.31 -23.63 -38.79
CA GLU C 119 -21.56 -22.19 -38.75
C GLU C 119 -20.25 -21.48 -38.45
N GLN C 120 -19.48 -22.03 -37.50
CA GLN C 120 -18.20 -21.46 -37.10
C GLN C 120 -17.18 -21.44 -38.22
N LEU C 121 -17.10 -22.55 -38.95
CA LEU C 121 -16.11 -22.69 -40.02
C LEU C 121 -16.28 -21.64 -41.10
N LYS C 122 -17.53 -21.38 -41.47
CA LYS C 122 -17.86 -20.40 -42.49
C LYS C 122 -17.35 -18.99 -42.19
N SER C 123 -17.05 -18.71 -40.92
CA SER C 123 -16.63 -17.38 -40.53
C SER C 123 -15.11 -17.20 -40.44
N GLY C 124 -14.37 -18.28 -40.62
CA GLY C 124 -12.93 -18.17 -40.78
C GLY C 124 -12.13 -18.63 -39.58
N THR C 125 -12.81 -19.21 -38.59
CA THR C 125 -12.15 -19.70 -37.40
C THR C 125 -12.66 -21.09 -37.03
N ALA C 126 -11.79 -21.91 -36.45
CA ALA C 126 -12.18 -23.22 -35.96
C ALA C 126 -11.88 -23.33 -34.46
N SER C 127 -12.92 -23.52 -33.66
CA SER C 127 -12.73 -23.87 -32.26
C SER C 127 -13.00 -25.36 -31.99
N VAL C 128 -12.05 -26.01 -31.33
CA VAL C 128 -12.18 -27.40 -30.91
C VAL C 128 -12.20 -27.45 -29.38
N VAL C 129 -13.17 -28.15 -28.82
CA VAL C 129 -13.34 -28.15 -27.37
C VAL C 129 -13.19 -29.56 -26.80
N CYS C 130 -12.43 -29.66 -25.71
CA CYS C 130 -12.27 -30.92 -25.00
C CYS C 130 -12.81 -30.71 -23.59
N LEU C 131 -13.73 -31.57 -23.17
CA LEU C 131 -14.35 -31.44 -21.85
C LEU C 131 -13.90 -32.49 -20.85
N LEU C 132 -13.52 -32.04 -19.67
CA LEU C 132 -13.27 -32.93 -18.54
C LEU C 132 -14.34 -32.72 -17.47
N ASN C 133 -15.15 -33.75 -17.21
CA ASN C 133 -16.30 -33.59 -16.33
C ASN C 133 -16.15 -34.32 -14.99
N ASN C 134 -16.32 -33.57 -13.90
CA ASN C 134 -16.49 -34.13 -12.56
C ASN C 134 -15.31 -34.99 -12.09
N PHE C 135 -14.17 -34.36 -11.90
CA PHE C 135 -12.97 -35.09 -11.51
C PHE C 135 -12.33 -34.53 -10.23
N TYR C 136 -11.48 -35.33 -9.62
CA TYR C 136 -10.73 -34.93 -8.44
C TYR C 136 -9.47 -35.78 -8.37
N PRO C 137 -8.31 -35.17 -8.07
CA PRO C 137 -8.09 -33.77 -7.70
C PRO C 137 -8.12 -32.80 -8.88
N ARG C 138 -7.96 -31.51 -8.57
CA ARG C 138 -8.10 -30.47 -9.57
C ARG C 138 -7.00 -30.51 -10.61
N GLU C 139 -5.82 -31.00 -10.21
CA GLU C 139 -4.67 -31.04 -11.11
C GLU C 139 -4.89 -31.99 -12.29
N ALA C 140 -4.70 -31.47 -13.50
CA ALA C 140 -4.87 -32.29 -14.69
C ALA C 140 -4.05 -31.73 -15.85
N LYS C 141 -3.60 -32.61 -16.73
CA LYS C 141 -2.86 -32.20 -17.91
C LYS C 141 -3.65 -32.49 -19.19
N VAL C 142 -3.83 -31.46 -20.01
CA VAL C 142 -4.56 -31.59 -21.26
C VAL C 142 -3.67 -31.20 -22.43
N GLN C 143 -3.40 -32.14 -23.32
CA GLN C 143 -2.47 -31.92 -24.42
C GLN C 143 -3.17 -32.10 -25.76
N TRP C 144 -3.13 -31.06 -26.57
CA TRP C 144 -3.69 -31.12 -27.93
C TRP C 144 -2.67 -31.70 -28.90
N LYS C 145 -3.11 -32.63 -29.74
CA LYS C 145 -2.26 -33.16 -30.80
C LYS C 145 -2.96 -33.11 -32.15
N VAL C 146 -2.22 -32.61 -33.12
CA VAL C 146 -2.69 -32.50 -34.50
C VAL C 146 -1.74 -33.25 -35.43
N ASP C 147 -2.23 -34.33 -36.03
CA ASP C 147 -1.39 -35.24 -36.80
C ASP C 147 -0.12 -35.65 -36.03
N ASN C 148 -0.34 -35.98 -34.75
CA ASN C 148 0.67 -36.47 -33.79
C ASN C 148 1.70 -35.40 -33.40
N ALA C 149 1.50 -34.18 -33.88
CA ALA C 149 2.36 -33.07 -33.47
C ALA C 149 1.73 -32.38 -32.26
N LEU C 150 2.48 -32.30 -31.17
CA LEU C 150 1.98 -31.67 -29.95
C LEU C 150 1.74 -30.18 -30.15
N GLN C 151 0.58 -29.69 -29.75
CA GLN C 151 0.28 -28.27 -29.88
C GLN C 151 0.41 -27.54 -28.54
N SER C 152 1.03 -26.36 -28.56
CA SER C 152 1.17 -25.58 -27.33
C SER C 152 1.10 -24.08 -27.62
N GLY C 153 0.46 -23.33 -26.71
CA GLY C 153 0.36 -21.89 -26.83
C GLY C 153 -0.84 -21.46 -27.65
N ASN C 154 -1.58 -22.44 -28.16
CA ASN C 154 -2.75 -22.17 -28.98
C ASN C 154 -3.99 -22.79 -28.35
N SER C 155 -3.95 -22.99 -27.04
CA SER C 155 -5.09 -23.55 -26.33
C SER C 155 -5.32 -22.77 -25.06
N GLN C 156 -6.56 -22.81 -24.57
CA GLN C 156 -6.88 -22.19 -23.30
C GLN C 156 -7.71 -23.11 -22.43
N GLU C 157 -7.45 -23.11 -21.12
CA GLU C 157 -8.21 -23.95 -20.20
C GLU C 157 -9.15 -23.11 -19.34
N SER C 158 -10.27 -23.70 -18.94
CA SER C 158 -11.13 -23.11 -17.91
C SER C 158 -11.59 -24.18 -16.93
N VAL C 159 -11.73 -23.81 -15.65
CA VAL C 159 -12.11 -24.77 -14.63
C VAL C 159 -13.26 -24.22 -13.80
N THR C 160 -14.24 -25.07 -13.51
CA THR C 160 -15.36 -24.64 -12.69
C THR C 160 -14.91 -24.62 -11.23
N GLU C 161 -15.65 -23.91 -10.38
CA GLU C 161 -15.42 -23.98 -8.95
C GLU C 161 -15.90 -25.35 -8.48
N GLN C 162 -15.30 -25.87 -7.41
CA GLN C 162 -15.65 -27.19 -6.89
C GLN C 162 -17.15 -27.28 -6.56
N ASP C 163 -17.79 -28.36 -6.99
CA ASP C 163 -19.23 -28.51 -6.84
C ASP C 163 -19.66 -28.70 -5.39
N SER C 164 -20.71 -28.00 -4.99
CA SER C 164 -21.15 -28.04 -3.60
C SER C 164 -21.76 -29.38 -3.21
N LYS C 165 -22.17 -30.19 -4.19
CA LYS C 165 -22.88 -31.43 -3.86
C LYS C 165 -21.99 -32.68 -3.97
N ASP C 166 -21.09 -32.71 -4.95
CA ASP C 166 -20.24 -33.89 -5.14
C ASP C 166 -18.75 -33.58 -4.98
N SER C 167 -18.45 -32.32 -4.68
CA SER C 167 -17.08 -31.86 -4.46
C SER C 167 -16.10 -32.17 -5.60
N THR C 168 -16.58 -32.19 -6.82
CA THR C 168 -15.71 -32.43 -7.97
C THR C 168 -15.42 -31.15 -8.74
N TYR C 169 -14.47 -31.23 -9.67
CA TYR C 169 -14.19 -30.12 -10.56
C TYR C 169 -14.55 -30.52 -11.98
N SER C 170 -14.78 -29.54 -12.85
CA SER C 170 -14.87 -29.81 -14.28
C SER C 170 -14.02 -28.80 -15.06
N LEU C 171 -13.57 -29.18 -16.25
CA LEU C 171 -12.60 -28.39 -16.99
C LEU C 171 -12.88 -28.44 -18.48
N SER C 172 -12.71 -27.30 -19.15
CA SER C 172 -12.78 -27.25 -20.60
C SER C 172 -11.44 -26.80 -21.16
N SER C 173 -11.08 -27.34 -22.31
CA SER C 173 -9.93 -26.86 -23.05
C SER C 173 -10.33 -26.55 -24.47
N THR C 174 -9.92 -25.39 -24.96
CA THR C 174 -10.33 -24.95 -26.30
C THR C 174 -9.14 -24.62 -27.19
N LEU C 175 -9.01 -25.34 -28.30
CA LEU C 175 -7.98 -25.07 -29.29
C LEU C 175 -8.56 -24.20 -30.39
N THR C 176 -7.90 -23.09 -30.72
CA THR C 176 -8.40 -22.22 -31.79
C THR C 176 -7.46 -22.20 -32.99
N LEU C 177 -7.99 -22.50 -34.18
CA LEU C 177 -7.20 -22.45 -35.40
C LEU C 177 -7.94 -21.71 -36.52
N SER C 178 -7.20 -21.17 -37.47
CA SER C 178 -7.81 -20.62 -38.68
C SER C 178 -8.39 -21.75 -39.54
N LYS C 179 -9.35 -21.43 -40.38
CA LYS C 179 -9.88 -22.39 -41.34
C LYS C 179 -8.78 -22.97 -42.22
N ALA C 180 -7.88 -22.10 -42.69
CA ALA C 180 -6.84 -22.51 -43.63
C ALA C 180 -5.91 -23.54 -42.99
N ASP C 181 -5.54 -23.31 -41.74
CA ASP C 181 -4.68 -24.23 -41.02
C ASP C 181 -5.44 -25.51 -40.67
N TYR C 182 -6.71 -25.34 -40.32
CA TYR C 182 -7.57 -26.45 -39.94
C TYR C 182 -7.70 -27.47 -41.07
N GLU C 183 -7.85 -26.98 -42.29
CA GLU C 183 -8.06 -27.84 -43.46
C GLU C 183 -6.78 -28.49 -43.97
N LYS C 184 -5.65 -28.13 -43.35
CA LYS C 184 -4.37 -28.70 -43.73
C LYS C 184 -4.04 -30.02 -43.01
N HIS C 185 -4.86 -30.40 -42.02
CA HIS C 185 -4.51 -31.53 -41.16
C HIS C 185 -5.69 -32.48 -40.98
N LYS C 186 -5.40 -33.73 -40.65
CA LYS C 186 -6.43 -34.76 -40.61
C LYS C 186 -6.84 -35.16 -39.20
N VAL C 187 -5.87 -35.55 -38.39
CA VAL C 187 -6.18 -36.13 -37.09
C VAL C 187 -6.08 -35.11 -35.97
N TYR C 188 -7.19 -34.92 -35.28
CA TYR C 188 -7.27 -33.98 -34.17
C TYR C 188 -7.54 -34.73 -32.87
N ALA C 189 -6.66 -34.58 -31.88
CA ALA C 189 -6.74 -35.41 -30.67
C ALA C 189 -6.57 -34.61 -29.38
N CYS C 190 -7.33 -35.00 -28.36
CA CYS C 190 -7.17 -34.45 -27.01
C CYS C 190 -6.74 -35.54 -26.04
N GLU C 191 -5.56 -35.36 -25.45
CA GLU C 191 -4.99 -36.33 -24.51
C GLU C 191 -5.03 -35.82 -23.08
N VAL C 192 -5.59 -36.61 -22.17
CA VAL C 192 -5.82 -36.17 -20.81
C VAL C 192 -5.03 -37.01 -19.82
N THR C 193 -4.24 -36.33 -18.99
CA THR C 193 -3.50 -36.98 -17.92
C THR C 193 -4.02 -36.55 -16.55
N HIS C 194 -4.29 -37.52 -15.68
CA HIS C 194 -4.87 -37.23 -14.37
C HIS C 194 -4.61 -38.39 -13.41
N GLN C 195 -4.54 -38.06 -12.13
CA GLN C 195 -4.14 -39.01 -11.10
C GLN C 195 -5.03 -40.24 -11.01
N GLY C 196 -6.31 -40.08 -11.35
CA GLY C 196 -7.22 -41.21 -11.26
C GLY C 196 -7.17 -42.14 -12.46
N LEU C 197 -6.38 -41.77 -13.45
CA LEU C 197 -6.17 -42.60 -14.64
C LEU C 197 -4.79 -43.24 -14.65
N SER C 198 -4.74 -44.56 -14.72
CA SER C 198 -3.47 -45.28 -14.67
C SER C 198 -2.66 -44.99 -15.94
N SER C 199 -3.35 -44.64 -17.02
CA SER C 199 -2.69 -44.19 -18.22
C SER C 199 -3.53 -43.12 -18.93
N PRO C 200 -2.87 -42.26 -19.74
CA PRO C 200 -3.57 -41.16 -20.41
C PRO C 200 -4.69 -41.62 -21.35
N VAL C 201 -5.75 -40.82 -21.45
CA VAL C 201 -6.88 -41.13 -22.32
C VAL C 201 -6.88 -40.20 -23.51
N THR C 202 -7.00 -40.76 -24.72
CA THR C 202 -7.03 -39.92 -25.91
C THR C 202 -8.36 -40.04 -26.64
N LYS C 203 -8.97 -38.90 -26.93
CA LYS C 203 -10.14 -38.83 -27.79
C LYS C 203 -9.82 -38.06 -29.06
N SER C 204 -10.29 -38.53 -30.22
CA SER C 204 -9.90 -37.90 -31.48
C SER C 204 -10.97 -38.02 -32.56
N PHE C 205 -10.86 -37.19 -33.60
CA PHE C 205 -11.70 -37.32 -34.78
C PHE C 205 -10.96 -36.97 -36.09
N ASN C 206 -11.50 -37.45 -37.19
CA ASN C 206 -11.02 -37.11 -38.54
C ASN C 206 -11.92 -36.09 -39.22
N ARG C 207 -11.33 -35.02 -39.76
CA ARG C 207 -12.10 -33.98 -40.44
C ARG C 207 -12.91 -34.56 -41.61
N GLY C 208 -14.20 -34.28 -41.62
CA GLY C 208 -15.05 -34.72 -42.72
C GLY C 208 -15.58 -36.12 -42.53
N GLU C 209 -15.37 -36.66 -41.34
CA GLU C 209 -15.79 -38.02 -41.02
C GLU C 209 -16.78 -38.02 -39.86
#